data_8BH5
#
_entry.id   8BH5
#
_cell.length_a   186.846
_cell.length_b   99.987
_cell.length_c   56.486
_cell.angle_alpha   90.000
_cell.angle_beta   104.105
_cell.angle_gamma   90.000
#
_symmetry.space_group_name_H-M   'C 1 2 1'
#
loop_
_entity.id
_entity.type
_entity.pdbx_description
1 polymer 'Beta-27 heavy chain'
2 polymer 'Beta-27 light chain'
3 polymer 'Spike protein S1'
4 polymer 'Nanobody C1'
5 branched alpha-L-fucopyranose-(1-6)-2-acetamido-2-deoxy-beta-D-glucopyranose
6 non-polymer GLYCEROL
7 non-polymer 'PHOSPHATE ION'
8 water water
#
loop_
_entity_poly.entity_id
_entity_poly.type
_entity_poly.pdbx_seq_one_letter_code
_entity_poly.pdbx_strand_id
1 'polypeptide(L)'
;EVQLLESGGGLVQPGGSLRLSCAASGLTVRSNYMNWVRQAPGKGLEWVSLIYSGGSTFYADSVKGRFTISRHDSKNTLYL
QMNSLRAEDTAVYYCARDLVVYGMDVWGQGTTVTVSSASTKGPSVFPLAPSSKSTSGGTAALGCLVKDYFPEPVTVSWNS
GALTSGVHTFPAVLQSSGLYSLSSVVTVPSSSLGTQTYICNVNHKPSNTKVDKKVEPKSCDK
;
H
2 'polypeptide(L)'
;DIQMTQSPGTLSLSPGERATLSCRASQSVSSSSLAWYQQKHGQAPRLLIYGTSSRATGIPDRFSGSGSGTDFTLTISGLE
PEDFAVYYCQQYGSSPLFGGGTKVEIKRTVAAPSVFIFPPSDEQLKSGTASVVCLLNNFYPREAKVQWKVDNALQSGNSQ
ESVTEQDSKDSTYSLSSTLTLSKADYEKHKVYACEVTHQGLSSPVTKSFNRGEC
;
L
3 'polypeptide(L)'
;HHHHHHTNLCPFDEVFNATRFASVYAWNRKRISNCVADYSVLYNFAPFFAFKCYGVSPTKLNDLCFTNVYADSFVIRGNE
VSQIAPGQTGNIADYNYKLPDDFTGCVIAWNSNKLDSKVGGNYNYQYRLFRKSNLKPFERDISTEIYQAGNKPCNGVAGF
NCYFPLRSYGFRPTYGVGHQPYRVVVLSFELLHAPATVCGKK
;
E
4 'polypeptide(L)'
;QVQLVESGGGLVQPGGSLRLSCAASGFTNDFYSIAWFRQAPGKEREGVSWLSVSDNTPTYVDSVKDRFTISRHNANNTVY
LQMNMLKPEDTAIYYCAAGRFAGRDTWPSSYDYWGQGTQVTVSSKHHHHHH
;
C
#
loop_
_chem_comp.id
_chem_comp.type
_chem_comp.name
_chem_comp.formula
FUC L-saccharide, alpha linking alpha-L-fucopyranose 'C6 H12 O5'
GOL non-polymer GLYCEROL 'C3 H8 O3'
NAG D-saccharide, beta linking 2-acetamido-2-deoxy-beta-D-glucopyranose 'C8 H15 N O6'
PO4 non-polymer 'PHOSPHATE ION' 'O4 P -3'
#
# COMPACT_ATOMS: atom_id res chain seq x y z
N GLU A 1 21.95 -14.78 -13.80
CA GLU A 1 21.06 -13.69 -13.42
C GLU A 1 20.34 -13.97 -12.10
N VAL A 2 20.40 -13.01 -11.19
CA VAL A 2 19.63 -13.10 -9.95
C VAL A 2 18.16 -12.93 -10.28
N GLN A 3 17.34 -13.92 -9.92
CA GLN A 3 15.94 -13.92 -10.29
C GLN A 3 15.09 -14.32 -9.09
N LEU A 4 13.78 -14.11 -9.24
CA LEU A 4 12.76 -14.65 -8.36
C LEU A 4 11.68 -15.25 -9.25
N LEU A 5 11.56 -16.58 -9.22
CA LEU A 5 10.66 -17.30 -10.12
C LEU A 5 9.36 -17.61 -9.40
N GLU A 6 8.25 -17.07 -9.90
CA GLU A 6 6.96 -17.19 -9.25
C GLU A 6 6.06 -18.15 -10.00
N SER A 7 5.19 -18.82 -9.25
CA SER A 7 4.16 -19.69 -9.80
C SER A 7 3.09 -19.90 -8.74
N GLY A 8 2.04 -20.63 -9.10
CA GLY A 8 0.94 -20.91 -8.21
C GLY A 8 -0.33 -20.13 -8.50
N GLY A 9 -0.26 -19.10 -9.34
CA GLY A 9 -1.44 -18.33 -9.65
C GLY A 9 -2.44 -19.12 -10.47
N GLY A 10 -3.71 -18.74 -10.36
CA GLY A 10 -4.74 -19.43 -11.10
C GLY A 10 -6.10 -18.84 -10.82
N LEU A 11 -7.12 -19.65 -11.05
CA LEU A 11 -8.50 -19.24 -10.88
C LEU A 11 -9.04 -19.80 -9.57
N VAL A 12 -9.51 -18.92 -8.70
CA VAL A 12 -10.06 -19.30 -7.41
C VAL A 12 -11.47 -18.76 -7.31
N GLN A 13 -12.39 -19.59 -6.83
CA GLN A 13 -13.73 -19.08 -6.57
C GLN A 13 -13.75 -18.33 -5.25
N PRO A 14 -14.67 -17.37 -5.09
CA PRO A 14 -14.71 -16.58 -3.85
C PRO A 14 -14.88 -17.48 -2.63
N GLY A 15 -14.03 -17.26 -1.63
CA GLY A 15 -13.98 -18.08 -0.45
C GLY A 15 -12.97 -19.20 -0.50
N GLY A 16 -12.33 -19.42 -1.65
CA GLY A 16 -11.39 -20.51 -1.81
C GLY A 16 -9.97 -20.13 -1.43
N SER A 17 -9.07 -21.09 -1.58
CA SER A 17 -7.67 -20.94 -1.18
C SER A 17 -6.76 -21.03 -2.40
N LEU A 18 -5.53 -20.56 -2.21
CA LEU A 18 -4.49 -20.62 -3.23
C LEU A 18 -3.15 -20.33 -2.57
N ARG A 19 -2.12 -21.08 -2.99
CA ARG A 19 -0.78 -20.93 -2.46
C ARG A 19 0.17 -20.53 -3.58
N LEU A 20 0.80 -19.37 -3.43
CA LEU A 20 1.78 -18.87 -4.39
C LEU A 20 3.19 -19.25 -3.94
N SER A 21 4.07 -19.42 -4.92
CA SER A 21 5.46 -19.79 -4.64
C SER A 21 6.38 -18.79 -5.33
N CYS A 22 7.58 -18.65 -4.78
CA CYS A 22 8.57 -17.67 -5.26
C CYS A 22 9.95 -18.28 -5.04
N ALA A 23 10.46 -18.96 -6.05
CA ALA A 23 11.72 -19.67 -5.97
C ALA A 23 12.86 -18.72 -6.30
N ALA A 24 13.75 -18.49 -5.34
CA ALA A 24 14.86 -17.58 -5.54
C ALA A 24 16.03 -18.28 -6.22
N SER A 25 16.83 -17.49 -6.94
CA SER A 25 18.06 -17.98 -7.55
C SER A 25 19.01 -16.80 -7.63
N GLY A 26 20.07 -16.84 -6.83
CA GLY A 26 20.98 -15.72 -6.69
C GLY A 26 20.93 -15.05 -5.33
N LEU A 27 19.98 -15.43 -4.48
CA LEU A 27 19.90 -14.91 -3.12
C LEU A 27 19.20 -15.94 -2.24
N THR A 28 19.49 -15.88 -0.95
CA THR A 28 18.94 -16.84 0.02
C THR A 28 17.69 -16.24 0.66
N VAL A 29 16.54 -16.87 0.42
CA VAL A 29 15.29 -16.42 1.02
C VAL A 29 15.41 -16.40 2.54
N ARG A 30 16.03 -17.44 3.11
CA ARG A 30 16.15 -17.55 4.56
C ARG A 30 16.86 -16.35 5.17
N SER A 31 17.73 -15.68 4.41
CA SER A 31 18.59 -14.63 4.95
C SER A 31 18.12 -13.22 4.61
N ASN A 32 16.93 -13.06 4.02
CA ASN A 32 16.53 -11.77 3.50
C ASN A 32 15.13 -11.39 4.00
N TYR A 33 14.91 -10.08 4.09
CA TYR A 33 13.55 -9.54 4.09
C TYR A 33 12.91 -9.87 2.74
N MET A 34 11.72 -10.47 2.79
CA MET A 34 11.01 -10.83 1.57
C MET A 34 9.61 -10.26 1.60
N ASN A 35 9.17 -9.72 0.46
CA ASN A 35 7.87 -9.06 0.36
C ASN A 35 7.01 -9.76 -0.69
N TRP A 36 5.70 -9.62 -0.52
CA TRP A 36 4.72 -9.89 -1.57
C TRP A 36 4.00 -8.59 -1.88
N VAL A 37 4.05 -8.16 -3.13
CA VAL A 37 3.41 -6.93 -3.57
C VAL A 37 2.52 -7.26 -4.76
N ARG A 38 1.26 -6.85 -4.69
CA ARG A 38 0.28 -7.16 -5.72
C ARG A 38 -0.16 -5.90 -6.46
N GLN A 39 -0.86 -6.11 -7.57
CA GLN A 39 -1.27 -5.02 -8.44
C GLN A 39 -2.58 -5.43 -9.11
N ALA A 40 -3.68 -4.89 -8.60
CA ALA A 40 -4.98 -5.14 -9.22
C ALA A 40 -4.99 -4.59 -10.64
N PRO A 41 -5.83 -5.15 -11.54
CA PRO A 41 -5.86 -4.69 -12.93
C PRO A 41 -6.03 -3.18 -13.06
N GLY A 42 -5.06 -2.52 -13.68
CA GLY A 42 -5.13 -1.10 -13.94
C GLY A 42 -4.92 -0.21 -12.74
N LYS A 43 -4.45 -0.75 -11.63
CA LYS A 43 -4.24 0.03 -10.41
C LYS A 43 -2.78 -0.07 -9.97
N GLY A 44 -2.47 0.57 -8.84
CA GLY A 44 -1.10 0.70 -8.40
C GLY A 44 -0.62 -0.47 -7.56
N LEU A 45 0.67 -0.42 -7.23
CA LEU A 45 1.27 -1.46 -6.41
C LEU A 45 0.80 -1.34 -4.97
N GLU A 46 0.57 -2.48 -4.34
CA GLU A 46 0.13 -2.54 -2.95
C GLU A 46 0.98 -3.57 -2.21
N TRP A 47 1.74 -3.11 -1.22
CA TRP A 47 2.44 -4.04 -0.35
C TRP A 47 1.43 -4.88 0.42
N VAL A 48 1.70 -6.19 0.50
CA VAL A 48 0.75 -7.16 1.02
C VAL A 48 1.30 -7.87 2.25
N SER A 49 2.53 -8.36 2.17
CA SER A 49 3.07 -9.15 3.27
C SER A 49 4.59 -9.09 3.26
N LEU A 50 5.17 -9.26 4.45
CA LEU A 50 6.61 -9.20 4.66
C LEU A 50 7.00 -10.24 5.70
N ILE A 51 8.13 -10.91 5.47
CA ILE A 51 8.68 -11.86 6.43
C ILE A 51 10.14 -11.49 6.68
N TYR A 52 10.52 -11.40 7.95
CA TYR A 52 11.91 -11.17 8.32
C TYR A 52 12.72 -12.45 8.15
N SER A 53 14.04 -12.29 8.05
CA SER A 53 14.91 -13.45 8.07
C SER A 53 14.83 -14.18 9.41
N GLY A 54 14.50 -13.45 10.47
CA GLY A 54 14.30 -13.97 11.81
C GLY A 54 12.97 -14.63 12.06
N GLY A 55 12.01 -14.53 11.15
CA GLY A 55 10.74 -15.23 11.24
C GLY A 55 9.52 -14.35 11.40
N SER A 56 9.69 -13.10 11.82
CA SER A 56 8.54 -12.24 12.06
C SER A 56 7.82 -11.93 10.76
N THR A 57 6.48 -11.93 10.81
CA THR A 57 5.65 -11.68 9.65
C THR A 57 4.78 -10.45 9.88
N PHE A 58 4.51 -9.73 8.79
CA PHE A 58 3.68 -8.55 8.82
C PHE A 58 2.77 -8.57 7.60
N TYR A 59 1.56 -8.02 7.77
CA TYR A 59 0.53 -8.09 6.75
C TYR A 59 -0.19 -6.74 6.63
N ALA A 60 -0.58 -6.41 5.41
CA ALA A 60 -1.44 -5.26 5.19
C ALA A 60 -2.80 -5.51 5.83
N ASP A 61 -3.47 -4.42 6.22
CA ASP A 61 -4.77 -4.55 6.88
C ASP A 61 -5.79 -5.23 5.97
N SER A 62 -5.65 -5.10 4.66
CA SER A 62 -6.62 -5.67 3.73
C SER A 62 -6.52 -7.18 3.64
N VAL A 63 -5.42 -7.78 4.11
CA VAL A 63 -5.21 -9.22 4.03
C VAL A 63 -5.01 -9.87 5.38
N LYS A 64 -5.10 -9.10 6.47
CA LYS A 64 -4.90 -9.66 7.80
C LYS A 64 -5.94 -10.75 8.08
N GLY A 65 -5.49 -11.82 8.73
CA GLY A 65 -6.34 -12.94 9.05
C GLY A 65 -6.61 -13.89 7.91
N ARG A 66 -6.27 -13.52 6.67
CA ARG A 66 -6.52 -14.35 5.51
C ARG A 66 -5.26 -14.83 4.81
N PHE A 67 -4.21 -14.03 4.80
CA PHE A 67 -2.97 -14.39 4.14
C PHE A 67 -1.93 -14.86 5.16
N THR A 68 -0.98 -15.66 4.68
CA THR A 68 0.11 -16.14 5.52
C THR A 68 1.34 -16.30 4.64
N ILE A 69 2.42 -15.59 5.00
CA ILE A 69 3.69 -15.67 4.29
C ILE A 69 4.59 -16.67 5.00
N SER A 70 5.35 -17.44 4.23
CA SER A 70 6.20 -18.47 4.79
C SER A 70 7.27 -18.84 3.76
N ARG A 71 8.17 -19.72 4.16
CA ARG A 71 9.29 -20.11 3.32
C ARG A 71 9.72 -21.52 3.65
N HIS A 72 10.39 -22.16 2.70
CA HIS A 72 11.03 -23.46 2.88
C HIS A 72 12.52 -23.29 2.61
N ASP A 73 13.34 -23.41 3.64
CA ASP A 73 14.78 -23.19 3.50
C ASP A 73 15.40 -24.18 2.54
N SER A 74 14.98 -25.45 2.62
CA SER A 74 15.58 -26.49 1.78
C SER A 74 15.31 -26.27 0.30
N LYS A 75 14.20 -25.60 -0.03
CA LYS A 75 13.86 -25.31 -1.41
C LYS A 75 14.16 -23.87 -1.80
N ASN A 76 14.62 -23.04 -0.86
CA ASN A 76 14.95 -21.63 -1.12
C ASN A 76 13.79 -20.91 -1.80
N THR A 77 12.59 -21.14 -1.28
CA THR A 77 11.36 -20.68 -1.91
C THR A 77 10.51 -19.93 -0.90
N LEU A 78 10.00 -18.78 -1.31
CA LEU A 78 9.03 -18.02 -0.52
C LEU A 78 7.62 -18.41 -0.91
N TYR A 79 6.69 -18.32 0.04
CA TYR A 79 5.32 -18.74 -0.19
C TYR A 79 4.34 -17.69 0.34
N LEU A 80 3.17 -17.65 -0.27
CA LEU A 80 2.05 -16.83 0.19
C LEU A 80 0.80 -17.69 0.18
N GLN A 81 0.29 -18.02 1.37
CA GLN A 81 -0.93 -18.81 1.50
C GLN A 81 -2.12 -17.85 1.63
N MET A 82 -3.05 -17.95 0.69
CA MET A 82 -4.20 -17.04 0.62
C MET A 82 -5.47 -17.84 0.86
N ASN A 83 -6.22 -17.47 1.91
CA ASN A 83 -7.48 -18.08 2.25
C ASN A 83 -8.60 -17.06 2.17
N SER A 84 -9.82 -17.55 2.07
CA SER A 84 -11.02 -16.71 2.05
C SER A 84 -10.90 -15.61 1.00
N LEU A 85 -10.48 -16.01 -0.20
CA LEU A 85 -10.20 -15.04 -1.25
C LEU A 85 -11.47 -14.33 -1.69
N ARG A 86 -11.35 -13.01 -1.89
CA ARG A 86 -12.45 -12.17 -2.33
C ARG A 86 -12.15 -11.63 -3.73
N ALA A 87 -13.18 -11.05 -4.34
CA ALA A 87 -13.03 -10.54 -5.71
C ALA A 87 -11.96 -9.47 -5.78
N GLU A 88 -11.87 -8.61 -4.76
CA GLU A 88 -10.86 -7.56 -4.76
C GLU A 88 -9.44 -8.09 -4.57
N ASP A 89 -9.28 -9.38 -4.28
CA ASP A 89 -7.96 -9.99 -4.23
C ASP A 89 -7.41 -10.31 -5.61
N THR A 90 -8.21 -10.15 -6.67
CA THR A 90 -7.73 -10.35 -8.02
C THR A 90 -6.64 -9.33 -8.35
N ALA A 91 -5.45 -9.83 -8.64
CA ALA A 91 -4.30 -8.96 -8.91
C ALA A 91 -3.18 -9.81 -9.50
N VAL A 92 -2.12 -9.12 -9.92
CA VAL A 92 -0.85 -9.75 -10.26
C VAL A 92 0.04 -9.64 -9.04
N TYR A 93 0.47 -10.79 -8.52
CA TYR A 93 1.24 -10.84 -7.27
C TYR A 93 2.72 -10.96 -7.58
N TYR A 94 3.52 -10.06 -7.02
CA TYR A 94 4.96 -10.08 -7.14
C TYR A 94 5.59 -10.41 -5.80
N CYS A 95 6.71 -11.12 -5.83
CA CYS A 95 7.60 -11.23 -4.68
C CYS A 95 8.85 -10.41 -4.95
N ALA A 96 9.46 -9.91 -3.88
CA ALA A 96 10.63 -9.06 -4.02
C ALA A 96 11.53 -9.22 -2.80
N ARG A 97 12.84 -9.23 -3.04
CA ARG A 97 13.80 -9.17 -1.95
C ARG A 97 13.92 -7.74 -1.48
N ASP A 98 13.89 -7.54 -0.16
CA ASP A 98 13.87 -6.21 0.42
C ASP A 98 15.18 -5.94 1.14
N LEU A 99 15.88 -4.90 0.72
CA LEU A 99 17.06 -4.40 1.41
C LEU A 99 16.78 -3.17 2.24
N VAL A 100 15.50 -2.78 2.34
CA VAL A 100 15.05 -1.63 3.14
C VAL A 100 15.79 -0.38 2.69
N VAL A 101 16.93 -0.09 3.32
CA VAL A 101 17.65 1.14 3.02
C VAL A 101 18.19 1.13 1.59
N TYR A 102 18.32 -0.04 0.96
CA TYR A 102 18.74 -0.14 -0.43
C TYR A 102 17.58 -0.48 -1.36
N GLY A 103 16.34 -0.41 -0.86
CA GLY A 103 15.18 -0.68 -1.69
C GLY A 103 15.00 -2.15 -2.01
N MET A 104 13.90 -2.44 -2.70
CA MET A 104 13.61 -3.79 -3.18
C MET A 104 14.27 -3.96 -4.54
N ASP A 105 15.45 -4.59 -4.55
CA ASP A 105 16.28 -4.61 -5.74
C ASP A 105 15.96 -5.75 -6.69
N VAL A 106 15.47 -6.89 -6.18
CA VAL A 106 15.17 -8.06 -6.99
C VAL A 106 13.66 -8.29 -6.97
N TRP A 107 13.07 -8.43 -8.16
CA TRP A 107 11.63 -8.58 -8.31
C TRP A 107 11.32 -9.85 -9.10
N GLY A 108 10.28 -10.56 -8.67
CA GLY A 108 9.76 -11.66 -9.46
C GLY A 108 8.99 -11.17 -10.66
N GLN A 109 8.78 -12.08 -11.62
CA GLN A 109 8.04 -11.70 -12.83
C GLN A 109 6.55 -11.54 -12.57
N GLY A 110 6.07 -12.05 -11.44
CA GLY A 110 4.64 -11.94 -11.14
C GLY A 110 3.88 -13.19 -11.55
N THR A 111 2.80 -13.44 -10.83
CA THR A 111 1.88 -14.53 -11.15
C THR A 111 0.47 -14.04 -10.88
N THR A 112 -0.45 -14.39 -11.78
CA THR A 112 -1.78 -13.79 -11.81
C THR A 112 -2.77 -14.61 -10.99
N VAL A 113 -3.51 -13.94 -10.11
CA VAL A 113 -4.57 -14.55 -9.32
C VAL A 113 -5.88 -13.90 -9.73
N THR A 114 -6.84 -14.73 -10.15
CA THR A 114 -8.15 -14.26 -10.56
C THR A 114 -9.21 -14.93 -9.68
N VAL A 115 -9.97 -14.12 -8.95
CA VAL A 115 -11.01 -14.61 -8.05
C VAL A 115 -12.35 -14.39 -8.75
N SER A 116 -13.00 -15.49 -9.13
CA SER A 116 -14.23 -15.39 -9.90
C SER A 116 -15.04 -16.66 -9.74
N SER A 117 -16.36 -16.53 -9.91
CA SER A 117 -17.26 -17.68 -9.92
C SER A 117 -17.42 -18.28 -11.32
N ALA A 118 -16.84 -17.65 -12.34
CA ALA A 118 -17.02 -18.11 -13.70
C ALA A 118 -16.29 -19.43 -13.94
N SER A 119 -16.78 -20.18 -14.91
CA SER A 119 -16.16 -21.42 -15.36
C SER A 119 -15.53 -21.20 -16.73
N THR A 120 -14.58 -22.06 -17.07
CA THR A 120 -13.89 -21.96 -18.35
C THR A 120 -14.87 -22.08 -19.50
N LYS A 121 -14.86 -21.09 -20.39
CA LYS A 121 -15.78 -21.04 -21.51
C LYS A 121 -15.09 -20.41 -22.71
N GLY A 122 -15.23 -21.04 -23.87
CA GLY A 122 -14.69 -20.51 -25.09
C GLY A 122 -15.49 -19.33 -25.62
N PRO A 123 -14.84 -18.44 -26.35
CA PRO A 123 -15.52 -17.25 -26.83
C PRO A 123 -16.31 -17.50 -28.10
N SER A 124 -17.22 -16.58 -28.38
CA SER A 124 -17.89 -16.49 -29.66
C SER A 124 -17.28 -15.33 -30.43
N VAL A 125 -16.95 -15.55 -31.70
CA VAL A 125 -16.27 -14.56 -32.51
C VAL A 125 -17.26 -14.06 -33.56
N PHE A 126 -17.64 -12.79 -33.44
CA PHE A 126 -18.58 -12.18 -34.37
C PHE A 126 -17.88 -11.11 -35.20
N PRO A 127 -18.22 -10.99 -36.48
CA PRO A 127 -17.56 -9.99 -37.34
C PRO A 127 -18.05 -8.58 -37.05
N LEU A 128 -17.13 -7.63 -37.08
CA LEU A 128 -17.44 -6.21 -37.00
C LEU A 128 -17.31 -5.64 -38.41
N ALA A 129 -18.44 -5.49 -39.09
CA ALA A 129 -18.44 -5.09 -40.49
C ALA A 129 -18.90 -3.64 -40.64
N PRO A 130 -18.35 -2.91 -41.60
CA PRO A 130 -18.84 -1.55 -41.86
C PRO A 130 -20.26 -1.58 -42.40
N SER A 131 -21.14 -0.78 -41.80
CA SER A 131 -22.51 -0.69 -42.28
C SER A 131 -22.54 -0.26 -43.74
N SER A 132 -23.62 -0.65 -44.43
CA SER A 132 -23.69 -0.53 -45.88
C SER A 132 -23.36 0.86 -46.38
N LYS A 133 -23.66 1.89 -45.59
CA LYS A 133 -23.33 3.26 -45.97
C LYS A 133 -21.81 3.46 -46.01
N SER A 136 -18.05 5.93 -45.09
CA SER A 136 -17.40 5.59 -46.34
C SER A 136 -16.46 6.68 -46.80
N GLY A 137 -15.50 7.02 -45.94
CA GLY A 137 -14.52 8.05 -46.26
C GLY A 137 -13.34 7.51 -47.02
N GLY A 138 -12.13 7.80 -46.53
CA GLY A 138 -10.92 7.30 -47.15
C GLY A 138 -10.36 6.08 -46.45
N THR A 139 -10.66 5.95 -45.17
CA THR A 139 -10.20 4.84 -44.35
C THR A 139 -11.41 4.04 -43.87
N ALA A 140 -11.34 2.72 -44.03
CA ALA A 140 -12.38 1.81 -43.57
C ALA A 140 -11.87 1.02 -42.38
N ALA A 141 -12.80 0.59 -41.53
CA ALA A 141 -12.48 -0.16 -40.33
C ALA A 141 -13.37 -1.38 -40.21
N LEU A 142 -12.75 -2.53 -39.96
CA LEU A 142 -13.47 -3.77 -39.68
C LEU A 142 -12.80 -4.44 -38.49
N GLY A 143 -13.47 -5.43 -37.93
CA GLY A 143 -12.92 -6.05 -36.74
C GLY A 143 -13.59 -7.36 -36.38
N CYS A 144 -13.20 -7.86 -35.21
CA CYS A 144 -13.73 -9.10 -34.65
C CYS A 144 -14.13 -8.87 -33.21
N LEU A 145 -15.30 -9.34 -32.82
CA LEU A 145 -15.78 -9.25 -31.44
C LEU A 145 -15.61 -10.61 -30.78
N VAL A 146 -14.69 -10.69 -29.82
CA VAL A 146 -14.39 -11.90 -29.07
C VAL A 146 -15.14 -11.80 -27.76
N LYS A 147 -16.34 -12.38 -27.69
CA LYS A 147 -17.28 -12.11 -26.62
C LYS A 147 -17.56 -13.36 -25.79
N ASP A 148 -17.71 -13.15 -24.48
CA ASP A 148 -18.16 -14.17 -23.53
C ASP A 148 -17.19 -15.36 -23.43
N TYR A 149 -16.01 -15.10 -22.88
CA TYR A 149 -15.04 -16.15 -22.62
C TYR A 149 -14.50 -16.01 -21.21
N PHE A 150 -13.92 -17.10 -20.71
CA PHE A 150 -13.28 -17.10 -19.40
C PHE A 150 -12.34 -18.29 -19.35
N PRO A 151 -11.13 -18.14 -18.79
CA PRO A 151 -10.62 -16.86 -18.30
C PRO A 151 -9.78 -16.15 -19.35
N GLU A 152 -9.08 -15.09 -18.92
CA GLU A 152 -8.07 -14.49 -19.77
C GLU A 152 -6.92 -15.48 -19.96
N PRO A 153 -6.18 -15.37 -21.08
CA PRO A 153 -6.38 -14.40 -22.16
C PRO A 153 -6.84 -15.03 -23.48
N VAL A 154 -7.06 -14.17 -24.47
CA VAL A 154 -7.20 -14.59 -25.85
C VAL A 154 -6.09 -13.92 -26.65
N THR A 155 -5.80 -14.50 -27.81
CA THR A 155 -4.85 -13.92 -28.76
C THR A 155 -5.54 -13.77 -30.09
N VAL A 156 -5.42 -12.60 -30.70
CA VAL A 156 -6.08 -12.30 -31.96
C VAL A 156 -5.02 -11.81 -32.95
N SER A 157 -4.91 -12.48 -34.08
CA SER A 157 -4.10 -12.03 -35.20
C SER A 157 -4.99 -11.85 -36.42
N TRP A 158 -4.46 -11.17 -37.43
CA TRP A 158 -5.20 -10.88 -38.65
C TRP A 158 -4.44 -11.44 -39.85
N ASN A 159 -5.13 -12.24 -40.66
CA ASN A 159 -4.55 -12.87 -41.85
C ASN A 159 -3.32 -13.70 -41.48
N SER A 160 -3.43 -14.42 -40.36
CA SER A 160 -2.37 -15.32 -39.88
C SER A 160 -1.08 -14.56 -39.61
N GLY A 161 -1.20 -13.34 -39.08
CA GLY A 161 -0.05 -12.53 -38.75
C GLY A 161 0.52 -11.71 -39.89
N ALA A 162 -0.03 -11.84 -41.10
CA ALA A 162 0.47 -11.07 -42.23
C ALA A 162 -0.03 -9.63 -42.23
N LEU A 163 -1.06 -9.33 -41.43
CA LEU A 163 -1.64 -7.99 -41.33
C LEU A 163 -1.44 -7.50 -39.91
N THR A 164 -0.46 -6.61 -39.71
CA THR A 164 -0.16 -6.05 -38.41
C THR A 164 -0.32 -4.53 -38.34
N SER A 165 -0.01 -3.82 -39.42
CA SER A 165 -0.12 -2.36 -39.43
C SER A 165 -1.58 -1.94 -39.31
N GLY A 166 -1.86 -1.01 -38.40
CA GLY A 166 -3.19 -0.49 -38.21
C GLY A 166 -4.11 -1.36 -37.38
N VAL A 167 -3.60 -2.40 -36.73
CA VAL A 167 -4.40 -3.29 -35.91
C VAL A 167 -4.40 -2.78 -34.48
N HIS A 168 -5.58 -2.72 -33.88
CA HIS A 168 -5.73 -2.38 -32.46
C HIS A 168 -6.53 -3.50 -31.78
N THR A 169 -5.86 -4.26 -30.93
CA THR A 169 -6.52 -5.24 -30.08
C THR A 169 -6.70 -4.61 -28.70
N PHE A 170 -7.95 -4.51 -28.27
CA PHE A 170 -8.23 -3.73 -27.08
C PHE A 170 -8.18 -4.59 -25.83
N PRO A 171 -7.88 -3.98 -24.69
CA PRO A 171 -8.02 -4.71 -23.42
C PRO A 171 -9.44 -5.18 -23.22
N ALA A 172 -9.57 -6.39 -22.67
CA ALA A 172 -10.89 -6.95 -22.44
C ALA A 172 -11.58 -6.23 -21.27
N VAL A 173 -12.91 -6.30 -21.27
CA VAL A 173 -13.71 -5.79 -20.18
C VAL A 173 -14.44 -6.96 -19.53
N LEU A 174 -14.55 -6.91 -18.21
CA LEU A 174 -15.23 -7.95 -17.45
C LEU A 174 -16.72 -7.60 -17.40
N GLN A 175 -17.54 -8.37 -18.10
CA GLN A 175 -18.96 -8.10 -18.12
C GLN A 175 -19.61 -8.50 -16.80
N SER A 176 -20.82 -7.97 -16.56
CA SER A 176 -21.52 -8.28 -15.32
C SER A 176 -21.87 -9.75 -15.18
N SER A 177 -21.79 -10.52 -16.27
CA SER A 177 -22.02 -11.96 -16.21
C SER A 177 -20.82 -12.72 -15.67
N GLY A 178 -19.68 -12.07 -15.52
CA GLY A 178 -18.45 -12.75 -15.14
C GLY A 178 -17.58 -13.19 -16.30
N LEU A 179 -18.06 -13.02 -17.54
CA LEU A 179 -17.31 -13.42 -18.72
C LEU A 179 -16.62 -12.20 -19.34
N TYR A 180 -15.43 -12.42 -19.89
CA TYR A 180 -14.70 -11.36 -20.54
C TYR A 180 -15.19 -11.15 -21.97
N SER A 181 -14.89 -9.97 -22.50
CA SER A 181 -15.24 -9.64 -23.88
C SER A 181 -14.30 -8.55 -24.36
N LEU A 182 -13.69 -8.78 -25.52
CA LEU A 182 -12.87 -7.75 -26.16
C LEU A 182 -13.16 -7.72 -27.65
N SER A 183 -12.62 -6.70 -28.30
CA SER A 183 -12.70 -6.57 -29.75
C SER A 183 -11.31 -6.29 -30.31
N SER A 184 -11.12 -6.64 -31.57
CA SER A 184 -9.90 -6.35 -32.29
C SER A 184 -10.27 -5.73 -33.62
N VAL A 185 -9.74 -4.54 -33.89
CA VAL A 185 -10.08 -3.80 -35.11
C VAL A 185 -8.82 -3.61 -35.94
N VAL A 186 -9.04 -3.27 -37.21
CA VAL A 186 -7.95 -2.91 -38.12
C VAL A 186 -8.50 -1.93 -39.13
N THR A 187 -7.77 -0.84 -39.36
CA THR A 187 -8.15 0.17 -40.35
C THR A 187 -7.42 -0.11 -41.65
N VAL A 188 -8.17 -0.22 -42.74
CA VAL A 188 -7.60 -0.48 -44.06
C VAL A 188 -8.09 0.61 -45.00
N PRO A 189 -7.36 0.84 -46.10
CA PRO A 189 -7.88 1.77 -47.12
C PRO A 189 -9.17 1.24 -47.72
N SER A 190 -10.15 2.14 -47.85
CA SER A 190 -11.48 1.75 -48.30
C SER A 190 -11.47 1.11 -49.68
N SER A 191 -10.43 1.33 -50.48
CA SER A 191 -10.34 0.73 -51.79
C SER A 191 -10.18 -0.79 -51.71
N SER A 192 -9.48 -1.28 -50.70
CA SER A 192 -9.13 -2.68 -50.62
C SER A 192 -10.16 -3.52 -49.88
N LEU A 193 -11.37 -3.00 -49.65
CA LEU A 193 -12.41 -3.81 -49.05
C LEU A 193 -12.91 -4.87 -50.02
N GLY A 194 -13.10 -4.51 -51.28
CA GLY A 194 -13.56 -5.43 -52.30
C GLY A 194 -12.47 -6.19 -53.01
N THR A 195 -11.22 -6.10 -52.55
CA THR A 195 -10.11 -6.79 -53.19
C THR A 195 -9.28 -7.64 -52.23
N GLN A 196 -9.28 -7.34 -50.93
CA GLN A 196 -8.46 -8.06 -49.96
C GLN A 196 -9.36 -8.74 -48.94
N THR A 197 -9.18 -10.04 -48.77
CA THR A 197 -9.92 -10.78 -47.76
C THR A 197 -9.31 -10.54 -46.39
N TYR A 198 -10.17 -10.38 -45.38
CA TYR A 198 -9.75 -10.08 -44.02
C TYR A 198 -10.27 -11.16 -43.08
N ILE A 199 -9.36 -11.83 -42.39
CA ILE A 199 -9.68 -12.94 -41.49
C ILE A 199 -8.94 -12.73 -40.18
N CYS A 200 -9.66 -12.83 -39.07
CA CYS A 200 -9.07 -12.75 -37.74
C CYS A 200 -8.95 -14.15 -37.15
N ASN A 201 -7.82 -14.41 -36.48
CA ASN A 201 -7.52 -15.71 -35.91
C ASN A 201 -7.53 -15.58 -34.39
N VAL A 202 -8.57 -16.12 -33.75
CA VAL A 202 -8.76 -16.02 -32.31
C VAL A 202 -8.36 -17.34 -31.68
N ASN A 203 -7.48 -17.28 -30.68
CA ASN A 203 -7.03 -18.46 -29.96
C ASN A 203 -7.29 -18.25 -28.47
N HIS A 204 -8.02 -19.17 -27.87
CA HIS A 204 -8.30 -19.17 -26.43
C HIS A 204 -7.80 -20.51 -25.89
N LYS A 205 -6.56 -20.52 -25.42
CA LYS A 205 -5.94 -21.77 -24.97
C LYS A 205 -6.68 -22.47 -23.84
N PRO A 206 -7.21 -21.78 -22.81
CA PRO A 206 -7.86 -22.52 -21.72
C PRO A 206 -9.05 -23.36 -22.15
N SER A 207 -9.66 -23.11 -23.30
CA SER A 207 -10.85 -23.84 -23.72
C SER A 207 -10.68 -24.61 -25.02
N ASN A 208 -9.44 -24.73 -25.52
CA ASN A 208 -9.16 -25.39 -26.80
C ASN A 208 -10.06 -24.82 -27.90
N THR A 209 -10.04 -23.51 -28.04
CA THR A 209 -10.90 -22.79 -28.97
C THR A 209 -10.04 -22.03 -29.97
N LYS A 210 -10.00 -22.52 -31.20
CA LYS A 210 -9.36 -21.83 -32.32
C LYS A 210 -10.42 -21.53 -33.36
N VAL A 211 -10.62 -20.26 -33.66
CA VAL A 211 -11.66 -19.81 -34.58
C VAL A 211 -11.04 -18.84 -35.58
N ASP A 212 -11.35 -19.03 -36.86
CA ASP A 212 -10.97 -18.11 -37.92
C ASP A 212 -12.24 -17.49 -38.49
N LYS A 213 -12.34 -16.17 -38.44
CA LYS A 213 -13.54 -15.45 -38.85
C LYS A 213 -13.20 -14.51 -40.00
N LYS A 214 -13.74 -14.80 -41.18
CA LYS A 214 -13.63 -13.88 -42.30
C LYS A 214 -14.63 -12.74 -42.10
N VAL A 215 -14.14 -11.51 -42.15
CA VAL A 215 -14.96 -10.32 -41.97
C VAL A 215 -15.18 -9.70 -43.34
N GLU A 216 -16.45 -9.51 -43.71
CA GLU A 216 -16.82 -8.97 -45.00
C GLU A 216 -17.83 -7.84 -44.83
N PRO A 217 -17.84 -6.89 -45.76
CA PRO A 217 -18.90 -5.87 -45.75
C PRO A 217 -20.27 -6.51 -45.95
N LYS A 218 -21.22 -6.12 -45.10
CA LYS A 218 -22.55 -6.71 -45.14
C LYS A 218 -23.31 -6.22 -46.37
N SER A 219 -23.87 -7.16 -47.12
CA SER A 219 -24.60 -6.84 -48.35
C SER A 219 -26.09 -6.80 -48.08
N CYS A 220 -26.76 -5.83 -48.69
CA CYS A 220 -28.21 -5.66 -48.52
C CYS A 220 -28.98 -6.64 -49.40
N ASP B 1 -0.89 6.60 10.96
CA ASP B 1 -0.63 6.09 9.62
C ASP B 1 -0.06 7.18 8.72
N ILE B 2 0.84 6.78 7.82
CA ILE B 2 1.45 7.70 6.87
C ILE B 2 0.80 7.49 5.51
N GLN B 3 0.85 8.52 4.67
CA GLN B 3 0.28 8.47 3.34
C GLN B 3 1.24 9.09 2.34
N MET B 4 1.39 8.45 1.18
CA MET B 4 2.25 8.91 0.11
C MET B 4 1.39 9.33 -1.07
N THR B 5 1.47 10.60 -1.45
CA THR B 5 0.69 11.17 -2.54
C THR B 5 1.64 11.59 -3.65
N GLN B 6 1.41 11.07 -4.85
CA GLN B 6 2.19 11.43 -6.03
C GLN B 6 1.35 12.32 -6.94
N SER B 7 1.96 13.39 -7.45
CA SER B 7 1.31 14.31 -8.36
C SER B 7 2.32 14.72 -9.43
N PRO B 8 1.88 14.92 -10.67
CA PRO B 8 0.49 14.69 -11.10
C PRO B 8 0.20 13.22 -11.34
N GLY B 9 -1.08 12.86 -11.49
CA GLY B 9 -1.42 11.49 -11.84
C GLY B 9 -0.85 11.08 -13.18
N THR B 10 -0.81 12.02 -14.13
CA THR B 10 -0.27 11.78 -15.46
C THR B 10 0.57 12.98 -15.86
N LEU B 11 1.75 12.72 -16.42
CA LEU B 11 2.68 13.75 -16.86
C LEU B 11 2.87 13.60 -18.36
N SER B 12 2.60 14.67 -19.11
CA SER B 12 2.65 14.66 -20.56
C SER B 12 3.83 15.52 -21.02
N LEU B 13 4.86 14.87 -21.56
CA LEU B 13 6.05 15.55 -22.02
C LEU B 13 6.54 14.93 -23.32
N SER B 14 7.43 15.67 -24.01
CA SER B 14 8.09 15.27 -25.24
C SER B 14 9.44 14.63 -24.93
N PRO B 15 9.93 13.76 -25.82
CA PRO B 15 11.26 13.17 -25.61
C PRO B 15 12.33 14.25 -25.54
N GLY B 16 13.26 14.09 -24.60
CA GLY B 16 14.30 15.06 -24.38
C GLY B 16 13.97 16.16 -23.39
N GLU B 17 12.73 16.23 -22.92
CA GLU B 17 12.35 17.24 -21.95
C GLU B 17 12.66 16.78 -20.53
N ARG B 18 12.62 17.73 -19.60
CA ARG B 18 12.95 17.48 -18.21
C ARG B 18 11.68 17.11 -17.45
N ALA B 19 11.66 15.92 -16.86
CA ALA B 19 10.53 15.43 -16.09
C ALA B 19 10.78 15.62 -14.61
N THR B 20 9.79 16.15 -13.90
CA THR B 20 9.84 16.32 -12.46
C THR B 20 8.60 15.66 -11.85
N LEU B 21 8.82 14.66 -11.02
CA LEU B 21 7.74 13.88 -10.42
C LEU B 21 7.75 14.10 -8.91
N SER B 22 6.61 14.48 -8.35
CA SER B 22 6.49 14.79 -6.93
C SER B 22 5.96 13.61 -6.15
N CYS B 23 6.52 13.41 -4.95
CA CYS B 23 6.07 12.41 -4.00
C CYS B 23 6.01 13.07 -2.63
N ARG B 24 4.80 13.19 -2.08
CA ARG B 24 4.59 13.89 -0.83
C ARG B 24 4.21 12.91 0.27
N ALA B 25 4.85 13.03 1.43
CA ALA B 25 4.53 12.23 2.60
C ALA B 25 3.73 13.07 3.58
N SER B 26 2.72 12.45 4.19
CA SER B 26 1.88 13.16 5.17
C SER B 26 2.63 13.45 6.46
N GLN B 27 3.78 12.82 6.69
CA GLN B 27 4.60 13.05 7.86
C GLN B 27 6.06 13.19 7.43
N SER B 28 6.80 14.01 8.17
CA SER B 28 8.20 14.29 7.84
C SER B 28 9.05 13.06 8.18
N VAL B 29 9.59 12.41 7.15
CA VAL B 29 10.36 11.19 7.31
C VAL B 29 11.78 11.43 6.83
N SER B 30 12.70 10.58 7.30
CA SER B 30 14.09 10.68 6.90
C SER B 30 14.27 10.30 5.44
N SER B 31 15.28 10.89 4.80
CA SER B 31 15.50 10.68 3.38
C SER B 31 16.01 9.27 3.08
N SER B 32 16.59 8.57 4.06
CA SER B 32 17.10 7.23 3.82
C SER B 32 15.98 6.21 3.62
N SER B 33 14.73 6.57 3.91
CA SER B 33 13.63 5.63 3.95
C SER B 33 12.66 5.80 2.77
N LEU B 34 13.15 6.33 1.65
CA LEU B 34 12.31 6.57 0.49
C LEU B 34 13.00 6.05 -0.76
N ALA B 35 12.22 5.39 -1.62
CA ALA B 35 12.74 4.79 -2.85
C ALA B 35 11.78 5.07 -4.00
N TRP B 36 12.32 4.99 -5.22
CA TRP B 36 11.55 5.15 -6.44
C TRP B 36 11.63 3.87 -7.27
N TYR B 37 10.54 3.58 -7.97
CA TYR B 37 10.46 2.39 -8.83
C TYR B 37 9.90 2.78 -10.19
N GLN B 38 10.28 2.01 -11.20
CA GLN B 38 9.77 2.16 -12.56
C GLN B 38 9.05 0.88 -12.97
N GLN B 39 7.98 1.03 -13.73
CA GLN B 39 7.21 -0.11 -14.23
C GLN B 39 6.69 0.22 -15.62
N LYS B 40 7.30 -0.39 -16.63
CA LYS B 40 6.75 -0.32 -17.98
C LYS B 40 5.52 -1.22 -18.09
N HIS B 41 4.68 -0.92 -19.07
CA HIS B 41 3.42 -1.65 -19.21
C HIS B 41 3.68 -3.11 -19.52
N GLY B 42 2.98 -3.99 -18.79
CA GLY B 42 3.14 -5.42 -18.96
C GLY B 42 4.34 -6.02 -18.26
N GLN B 43 5.12 -5.23 -17.53
CA GLN B 43 6.35 -5.70 -16.92
C GLN B 43 6.27 -5.54 -15.41
N ALA B 44 7.22 -6.18 -14.73
CA ALA B 44 7.37 -6.06 -13.29
C ALA B 44 8.09 -4.76 -12.94
N PRO B 45 7.88 -4.25 -11.73
CA PRO B 45 8.61 -3.04 -11.31
C PRO B 45 10.10 -3.30 -11.20
N ARG B 46 10.86 -2.21 -11.26
CA ARG B 46 12.31 -2.25 -11.10
C ARG B 46 12.74 -1.07 -10.25
N LEU B 47 13.77 -1.29 -9.45
CA LEU B 47 14.26 -0.27 -8.52
C LEU B 47 15.04 0.79 -9.28
N LEU B 48 14.58 2.04 -9.18
CA LEU B 48 15.27 3.18 -9.80
C LEU B 48 16.24 3.84 -8.84
N ILE B 49 15.78 4.18 -7.64
CA ILE B 49 16.54 4.97 -6.68
C ILE B 49 16.19 4.51 -5.28
N TYR B 50 17.22 4.39 -4.43
CA TYR B 50 17.04 4.08 -3.02
C TYR B 50 17.65 5.19 -2.18
N GLY B 51 17.10 5.39 -0.98
CA GLY B 51 17.57 6.45 -0.12
C GLY B 51 17.48 7.83 -0.74
N THR B 52 16.31 8.14 -1.30
CA THR B 52 15.99 9.45 -1.87
C THR B 52 16.82 9.78 -3.11
N SER B 53 18.15 9.65 -3.04
CA SER B 53 19.01 10.20 -4.07
C SER B 53 20.02 9.22 -4.67
N SER B 54 20.13 8.01 -4.14
CA SER B 54 21.13 7.06 -4.63
C SER B 54 20.60 6.27 -5.82
N ARG B 55 21.37 6.28 -6.90
CA ARG B 55 20.95 5.64 -8.14
C ARG B 55 21.21 4.14 -8.08
N ALA B 56 20.20 3.35 -8.44
CA ALA B 56 20.31 1.91 -8.34
C ALA B 56 21.28 1.37 -9.38
N THR B 57 21.74 0.14 -9.16
CA THR B 57 22.74 -0.48 -10.02
C THR B 57 22.24 -0.60 -11.45
N GLY B 58 22.96 0.01 -12.38
CA GLY B 58 22.62 -0.04 -13.78
C GLY B 58 21.68 1.05 -14.27
N ILE B 59 21.19 1.91 -13.38
CA ILE B 59 20.24 2.95 -13.78
C ILE B 59 20.99 4.09 -14.46
N PRO B 60 20.52 4.56 -15.61
CA PRO B 60 21.29 5.57 -16.37
C PRO B 60 21.45 6.87 -15.60
N ASP B 61 22.38 7.69 -16.10
CA ASP B 61 22.80 8.89 -15.40
C ASP B 61 21.68 9.92 -15.28
N ARG B 62 20.76 9.93 -16.25
CA ARG B 62 19.75 10.99 -16.33
C ARG B 62 18.73 10.93 -15.21
N PHE B 63 18.66 9.83 -14.46
CA PHE B 63 17.73 9.72 -13.34
C PHE B 63 18.40 10.24 -12.07
N SER B 64 17.72 11.15 -11.37
CA SER B 64 18.21 11.68 -10.11
C SER B 64 17.04 11.92 -9.18
N GLY B 65 17.32 11.90 -7.88
CA GLY B 65 16.32 12.15 -6.88
C GLY B 65 16.83 13.10 -5.82
N SER B 66 15.89 13.81 -5.20
CA SER B 66 16.21 14.73 -4.13
C SER B 66 14.98 14.90 -3.25
N GLY B 67 15.13 15.69 -2.19
CA GLY B 67 14.06 15.94 -1.25
C GLY B 67 14.44 15.54 0.17
N SER B 68 13.59 15.97 1.09
CA SER B 68 13.76 15.67 2.50
C SER B 68 12.49 16.06 3.24
N GLY B 69 12.21 15.34 4.33
CA GLY B 69 11.03 15.63 5.13
C GLY B 69 9.75 15.08 4.55
N THR B 70 8.99 15.92 3.86
CA THR B 70 7.71 15.52 3.28
C THR B 70 7.67 15.58 1.76
N ASP B 71 8.56 16.31 1.11
CA ASP B 71 8.52 16.52 -0.32
C ASP B 71 9.75 15.88 -0.97
N PHE B 72 9.52 14.91 -1.85
CA PHE B 72 10.58 14.22 -2.57
C PHE B 72 10.31 14.33 -4.07
N THR B 73 11.38 14.20 -4.86
CA THR B 73 11.28 14.49 -6.29
C THR B 73 12.19 13.57 -7.08
N LEU B 74 11.62 12.94 -8.12
CA LEU B 74 12.38 12.21 -9.12
C LEU B 74 12.50 13.06 -10.37
N THR B 75 13.72 13.25 -10.85
CA THR B 75 14.00 14.09 -12.01
C THR B 75 14.62 13.25 -13.11
N ILE B 76 14.09 13.39 -14.33
CA ILE B 76 14.63 12.73 -15.52
C ILE B 76 15.09 13.83 -16.46
N SER B 77 16.42 14.02 -16.55
CA SER B 77 16.99 15.08 -17.38
C SER B 77 17.07 14.59 -18.82
N GLY B 78 16.02 14.87 -19.59
CA GLY B 78 15.95 14.43 -20.97
C GLY B 78 15.31 13.06 -21.12
N LEU B 79 14.02 13.05 -21.46
CA LEU B 79 13.28 11.80 -21.58
C LEU B 79 13.66 11.05 -22.85
N GLU B 80 13.98 9.77 -22.70
CA GLU B 80 14.16 8.84 -23.80
C GLU B 80 12.89 8.05 -24.01
N PRO B 81 12.72 7.41 -25.18
CA PRO B 81 11.48 6.65 -25.42
C PRO B 81 11.20 5.59 -24.36
N GLU B 82 12.22 4.84 -23.94
CA GLU B 82 12.04 3.82 -22.92
C GLU B 82 11.70 4.38 -21.55
N ASP B 83 11.81 5.69 -21.36
CA ASP B 83 11.54 6.30 -20.05
C ASP B 83 10.07 6.58 -19.81
N PHE B 84 9.22 6.43 -20.81
CA PHE B 84 7.79 6.70 -20.64
C PHE B 84 7.13 5.47 -20.03
N ALA B 85 6.94 5.52 -18.71
CA ALA B 85 6.36 4.40 -17.97
C ALA B 85 5.63 4.97 -16.76
N VAL B 86 5.29 4.09 -15.81
CA VAL B 86 4.68 4.48 -14.55
C VAL B 86 5.74 4.43 -13.47
N TYR B 87 5.79 5.47 -12.63
CA TYR B 87 6.80 5.59 -11.60
C TYR B 87 6.12 5.63 -10.24
N TYR B 88 6.64 4.82 -9.30
CA TYR B 88 6.11 4.74 -7.96
C TYR B 88 7.19 5.13 -6.96
N CYS B 89 6.83 5.96 -5.99
CA CYS B 89 7.66 6.17 -4.81
C CYS B 89 7.17 5.28 -3.68
N GLN B 90 8.08 4.99 -2.75
CA GLN B 90 7.79 4.01 -1.71
C GLN B 90 8.55 4.36 -0.44
N GLN B 91 7.83 4.47 0.67
CA GLN B 91 8.40 4.84 1.96
C GLN B 91 8.41 3.64 2.89
N TYR B 92 9.41 3.59 3.77
CA TYR B 92 9.58 2.51 4.73
C TYR B 92 9.19 2.99 6.12
N GLY B 93 8.07 2.47 6.62
CA GLY B 93 7.71 2.66 8.02
C GLY B 93 7.98 1.38 8.79
N SER B 94 6.96 0.86 9.46
CA SER B 94 7.02 -0.51 9.94
C SER B 94 6.83 -1.51 8.82
N SER B 95 6.32 -1.06 7.68
CA SER B 95 6.13 -1.87 6.49
C SER B 95 6.18 -0.95 5.28
N PRO B 96 6.50 -1.48 4.10
CA PRO B 96 6.54 -0.64 2.91
C PRO B 96 5.19 -0.07 2.54
N LEU B 97 5.20 1.14 1.99
CA LEU B 97 3.99 1.81 1.54
C LEU B 97 4.28 2.54 0.23
N PHE B 98 3.53 2.22 -0.82
CA PHE B 98 3.72 2.81 -2.14
C PHE B 98 2.77 3.98 -2.34
N GLY B 99 3.21 4.94 -3.14
CA GLY B 99 2.33 6.00 -3.60
C GLY B 99 1.43 5.52 -4.73
N GLY B 100 0.50 6.40 -5.11
CA GLY B 100 -0.44 6.06 -6.16
C GLY B 100 0.20 5.87 -7.52
N GLY B 101 1.35 6.46 -7.76
CA GLY B 101 2.04 6.32 -9.03
C GLY B 101 1.76 7.49 -9.95
N THR B 102 2.70 7.72 -10.87
CA THR B 102 2.58 8.78 -11.88
C THR B 102 2.98 8.21 -13.22
N LYS B 103 2.05 8.27 -14.19
CA LYS B 103 2.32 7.82 -15.54
C LYS B 103 2.90 8.97 -16.36
N VAL B 104 4.04 8.71 -17.00
CA VAL B 104 4.69 9.69 -17.86
C VAL B 104 4.39 9.28 -19.30
N GLU B 105 3.57 10.06 -19.99
CA GLU B 105 3.17 9.76 -21.36
C GLU B 105 3.85 10.71 -22.33
N ILE B 106 3.73 10.39 -23.61
CA ILE B 106 4.32 11.18 -24.69
C ILE B 106 3.33 12.25 -25.10
N LYS B 107 3.77 13.51 -25.07
CA LYS B 107 2.95 14.62 -25.53
C LYS B 107 3.16 14.85 -27.02
N ARG B 108 2.06 14.97 -27.76
CA ARG B 108 2.09 15.23 -29.18
C ARG B 108 1.03 16.28 -29.49
N THR B 109 0.97 16.70 -30.75
CA THR B 109 -0.10 17.61 -31.15
C THR B 109 -1.44 16.91 -31.07
N VAL B 110 -2.50 17.72 -31.00
CA VAL B 110 -3.85 17.17 -30.85
C VAL B 110 -4.27 16.48 -32.15
N ALA B 111 -4.79 15.26 -32.01
CA ALA B 111 -5.29 14.50 -33.15
C ALA B 111 -6.72 14.07 -32.86
N ALA B 112 -7.63 14.41 -33.77
CA ALA B 112 -9.02 14.05 -33.60
C ALA B 112 -9.22 12.55 -33.86
N PRO B 113 -10.20 11.94 -33.20
CA PRO B 113 -10.46 10.51 -33.42
C PRO B 113 -11.26 10.26 -34.69
N SER B 114 -11.00 9.10 -35.29
CA SER B 114 -11.81 8.59 -36.38
C SER B 114 -12.86 7.67 -35.78
N VAL B 115 -14.13 7.94 -36.05
CA VAL B 115 -15.25 7.27 -35.40
C VAL B 115 -15.91 6.31 -36.37
N PHE B 116 -16.08 5.06 -35.95
CA PHE B 116 -16.81 4.05 -36.68
C PHE B 116 -17.81 3.39 -35.76
N ILE B 117 -18.99 3.06 -36.28
CA ILE B 117 -20.00 2.33 -35.54
C ILE B 117 -20.25 1.00 -36.24
N PHE B 118 -20.45 -0.05 -35.46
CA PHE B 118 -20.62 -1.40 -35.99
C PHE B 118 -21.94 -1.98 -35.49
N PRO B 119 -22.90 -2.26 -36.37
CA PRO B 119 -24.11 -2.96 -35.94
C PRO B 119 -23.80 -4.38 -35.55
N PRO B 120 -24.66 -5.02 -34.75
CA PRO B 120 -24.43 -6.42 -34.40
C PRO B 120 -24.54 -7.32 -35.61
N SER B 121 -23.73 -8.37 -35.61
CA SER B 121 -23.77 -9.33 -36.70
C SER B 121 -25.05 -10.16 -36.64
N ASP B 122 -25.51 -10.59 -37.81
CA ASP B 122 -26.65 -11.51 -37.86
C ASP B 122 -26.36 -12.82 -37.13
N GLU B 123 -25.09 -13.17 -36.97
CA GLU B 123 -24.76 -14.38 -36.21
C GLU B 123 -25.04 -14.18 -34.72
N GLN B 124 -24.66 -13.02 -34.18
CA GLN B 124 -24.88 -12.78 -32.76
C GLN B 124 -26.36 -12.66 -32.41
N LEU B 125 -27.17 -12.13 -33.34
CA LEU B 125 -28.59 -11.94 -33.07
C LEU B 125 -29.31 -13.27 -32.87
N LYS B 126 -28.84 -14.33 -33.53
CA LYS B 126 -29.44 -15.65 -33.32
C LYS B 126 -29.19 -16.18 -31.92
N SER B 127 -28.22 -15.62 -31.20
CA SER B 127 -27.97 -16.03 -29.83
C SER B 127 -28.97 -15.44 -28.85
N GLY B 128 -29.48 -14.25 -29.14
CA GLY B 128 -30.38 -13.53 -28.25
C GLY B 128 -29.83 -12.22 -27.72
N THR B 129 -28.61 -11.84 -28.09
CA THR B 129 -27.98 -10.61 -27.62
C THR B 129 -27.49 -9.80 -28.81
N ALA B 130 -27.45 -8.48 -28.64
CA ALA B 130 -26.94 -7.57 -29.66
C ALA B 130 -25.87 -6.69 -29.05
N SER B 131 -24.70 -6.67 -29.66
CA SER B 131 -23.60 -5.81 -29.23
C SER B 131 -23.32 -4.79 -30.34
N VAL B 132 -23.45 -3.51 -30.00
CA VAL B 132 -23.14 -2.42 -30.91
C VAL B 132 -21.82 -1.80 -30.44
N VAL B 133 -20.85 -1.74 -31.35
CA VAL B 133 -19.49 -1.32 -31.03
C VAL B 133 -19.22 0.03 -31.69
N CYS B 134 -18.62 0.93 -30.93
CA CYS B 134 -18.22 2.25 -31.41
C CYS B 134 -16.70 2.35 -31.27
N LEU B 135 -16.02 2.68 -32.37
CA LEU B 135 -14.57 2.69 -32.42
C LEU B 135 -14.07 4.12 -32.54
N LEU B 136 -13.19 4.52 -31.62
CA LEU B 136 -12.47 5.79 -31.68
C LEU B 136 -11.02 5.46 -31.97
N ASN B 137 -10.53 5.87 -33.14
CA ASN B 137 -9.27 5.37 -33.67
C ASN B 137 -8.23 6.49 -33.71
N ASN B 138 -7.11 6.28 -33.03
CA ASN B 138 -5.93 7.14 -33.13
C ASN B 138 -6.23 8.61 -32.82
N PHE B 139 -6.39 8.91 -31.53
CA PHE B 139 -6.65 10.28 -31.08
C PHE B 139 -5.68 10.65 -29.97
N TYR B 140 -5.55 11.95 -29.74
CA TYR B 140 -4.75 12.48 -28.65
C TYR B 140 -5.29 13.86 -28.33
N PRO B 141 -5.44 14.23 -27.05
CA PRO B 141 -5.07 13.46 -25.86
C PRO B 141 -6.03 12.31 -25.53
N ARG B 142 -5.77 11.64 -24.40
CA ARG B 142 -6.50 10.43 -24.07
C ARG B 142 -7.95 10.70 -23.67
N GLU B 143 -8.23 11.90 -23.15
CA GLU B 143 -9.57 12.21 -22.65
C GLU B 143 -10.55 12.31 -23.81
N ALA B 144 -11.53 11.41 -23.84
CA ALA B 144 -12.59 11.43 -24.84
C ALA B 144 -13.89 10.98 -24.19
N LYS B 145 -15.00 11.46 -24.74
CA LYS B 145 -16.34 11.18 -24.21
C LYS B 145 -17.19 10.53 -25.28
N VAL B 146 -17.64 9.30 -25.02
CA VAL B 146 -18.54 8.58 -25.91
C VAL B 146 -19.91 8.56 -25.27
N GLN B 147 -20.95 8.84 -26.07
CA GLN B 147 -22.33 8.85 -25.60
C GLN B 147 -23.18 8.07 -26.58
N TRP B 148 -23.86 7.04 -26.08
CA TRP B 148 -24.75 6.23 -26.90
C TRP B 148 -26.14 6.86 -26.93
N LYS B 149 -26.70 6.99 -28.13
CA LYS B 149 -28.05 7.50 -28.32
C LYS B 149 -28.85 6.48 -29.13
N VAL B 150 -29.91 5.97 -28.55
CA VAL B 150 -30.79 5.01 -29.21
C VAL B 150 -32.13 5.70 -29.44
N ASP B 151 -32.51 5.87 -30.71
CA ASP B 151 -33.67 6.66 -31.08
C ASP B 151 -33.61 8.04 -30.45
N ASN B 152 -32.41 8.62 -30.43
CA ASN B 152 -32.12 9.94 -29.87
C ASN B 152 -32.31 9.99 -28.36
N ALA B 153 -32.34 8.85 -27.70
CA ALA B 153 -32.44 8.78 -26.24
C ALA B 153 -31.08 8.41 -25.68
N LEU B 154 -30.57 9.23 -24.76
CA LEU B 154 -29.26 9.01 -24.18
C LEU B 154 -29.28 7.73 -23.34
N GLN B 155 -28.41 6.78 -23.68
CA GLN B 155 -28.35 5.48 -23.02
C GLN B 155 -27.27 5.49 -21.95
N SER B 156 -27.64 5.05 -20.75
CA SER B 156 -26.72 4.99 -19.62
C SER B 156 -26.91 3.69 -18.86
N GLY B 157 -25.80 2.99 -18.57
CA GLY B 157 -25.81 1.81 -17.75
C GLY B 157 -25.57 0.50 -18.48
N ASN B 158 -25.51 0.51 -19.81
CA ASN B 158 -25.34 -0.72 -20.57
C ASN B 158 -24.21 -0.61 -21.59
N SER B 159 -23.15 0.12 -21.25
CA SER B 159 -22.00 0.24 -22.13
C SER B 159 -20.72 0.12 -21.30
N GLN B 160 -19.68 -0.42 -21.94
CA GLN B 160 -18.36 -0.55 -21.35
C GLN B 160 -17.31 -0.06 -22.32
N GLU B 161 -16.21 0.46 -21.78
CA GLU B 161 -15.15 1.08 -22.57
C GLU B 161 -13.83 0.34 -22.38
N SER B 162 -12.96 0.51 -23.37
CA SER B 162 -11.61 -0.04 -23.31
C SER B 162 -10.71 0.85 -24.14
N VAL B 163 -9.56 1.23 -23.58
CA VAL B 163 -8.60 2.10 -24.24
CA VAL B 163 -8.60 2.10 -24.24
C VAL B 163 -7.28 1.36 -24.38
N THR B 164 -6.62 1.53 -25.52
CA THR B 164 -5.32 0.94 -25.74
C THR B 164 -4.24 1.78 -25.05
N GLU B 165 -3.04 1.21 -24.99
CA GLU B 165 -1.89 1.98 -24.57
C GLU B 165 -1.43 2.89 -25.71
N GLN B 166 -0.59 3.86 -25.37
CA GLN B 166 -0.13 4.83 -26.37
C GLN B 166 0.60 4.10 -27.48
N ASP B 167 0.28 4.46 -28.73
CA ASP B 167 0.80 3.75 -29.88
C ASP B 167 2.31 3.97 -30.01
N SER B 168 3.01 2.93 -30.47
CA SER B 168 4.46 3.02 -30.57
C SER B 168 4.92 3.92 -31.71
N LYS B 169 4.07 4.18 -32.68
CA LYS B 169 4.46 4.95 -33.86
C LYS B 169 3.93 6.38 -33.85
N ASP B 170 2.62 6.56 -33.65
CA ASP B 170 2.02 7.88 -33.68
C ASP B 170 1.66 8.41 -32.29
N SER B 171 1.87 7.63 -31.23
CA SER B 171 1.66 8.07 -29.86
C SER B 171 0.21 8.48 -29.61
N THR B 172 -0.73 7.78 -30.24
CA THR B 172 -2.15 8.04 -30.06
C THR B 172 -2.80 6.94 -29.24
N TYR B 173 -4.04 7.18 -28.84
CA TYR B 173 -4.87 6.22 -28.16
C TYR B 173 -6.04 5.82 -29.03
N SER B 174 -6.58 4.63 -28.78
CA SER B 174 -7.78 4.16 -29.44
C SER B 174 -8.75 3.65 -28.39
N LEU B 175 -10.03 3.91 -28.60
CA LEU B 175 -11.08 3.55 -27.66
C LEU B 175 -12.12 2.67 -28.34
N SER B 176 -12.60 1.68 -27.61
CA SER B 176 -13.67 0.80 -28.07
C SER B 176 -14.77 0.78 -27.02
N SER B 177 -16.00 1.04 -27.45
CA SER B 177 -17.15 1.05 -26.55
C SER B 177 -18.21 0.10 -27.08
N THR B 178 -18.76 -0.74 -26.21
CA THR B 178 -19.72 -1.77 -26.59
C THR B 178 -21.03 -1.52 -25.86
N LEU B 179 -22.10 -1.33 -26.63
CA LEU B 179 -23.45 -1.21 -26.10
C LEU B 179 -24.13 -2.58 -26.23
N THR B 180 -24.64 -3.09 -25.11
CA THR B 180 -25.21 -4.44 -25.07
C THR B 180 -26.69 -4.37 -24.76
N LEU B 181 -27.49 -5.00 -25.61
CA LEU B 181 -28.93 -5.12 -25.43
C LEU B 181 -29.36 -6.55 -25.70
N SER B 182 -30.55 -6.89 -25.20
CA SER B 182 -31.16 -8.15 -25.61
C SER B 182 -31.68 -8.01 -27.04
N LYS B 183 -31.80 -9.15 -27.73
CA LYS B 183 -32.28 -9.13 -29.10
C LYS B 183 -33.67 -8.51 -29.19
N ALA B 184 -34.52 -8.78 -28.20
CA ALA B 184 -35.85 -8.20 -28.19
C ALA B 184 -35.79 -6.69 -28.00
N ASP B 185 -34.98 -6.23 -27.05
CA ASP B 185 -34.82 -4.79 -26.85
C ASP B 185 -34.12 -4.14 -28.04
N TYR B 186 -33.25 -4.87 -28.73
CA TYR B 186 -32.57 -4.31 -29.88
C TYR B 186 -33.54 -4.05 -31.02
N GLU B 187 -34.52 -4.95 -31.21
CA GLU B 187 -35.51 -4.81 -32.28
C GLU B 187 -36.56 -3.75 -31.98
N LYS B 188 -36.63 -3.25 -30.76
CA LYS B 188 -37.62 -2.24 -30.38
C LYS B 188 -37.23 -0.83 -30.80
N HIS B 189 -36.06 -0.64 -31.42
CA HIS B 189 -35.58 0.67 -31.78
C HIS B 189 -34.98 0.63 -33.18
N LYS B 190 -34.75 1.82 -33.74
CA LYS B 190 -34.29 1.93 -35.12
C LYS B 190 -32.91 2.57 -35.23
N VAL B 191 -32.75 3.80 -34.74
CA VAL B 191 -31.49 4.54 -34.93
C VAL B 191 -30.58 4.28 -33.75
N TYR B 192 -29.40 3.72 -34.02
CA TYR B 192 -28.36 3.50 -33.03
C TYR B 192 -27.18 4.41 -33.36
N ALA B 193 -26.71 5.15 -32.37
CA ALA B 193 -25.69 6.16 -32.61
C ALA B 193 -24.77 6.28 -31.41
N CYS B 194 -23.51 6.59 -31.67
CA CYS B 194 -22.56 7.02 -30.65
C CYS B 194 -22.04 8.40 -31.02
N GLU B 195 -22.14 9.33 -30.08
CA GLU B 195 -21.67 10.70 -30.26
C GLU B 195 -20.35 10.87 -29.51
N VAL B 196 -19.35 11.41 -30.21
CA VAL B 196 -17.99 11.48 -29.69
C VAL B 196 -17.60 12.93 -29.51
N THR B 197 -17.21 13.30 -28.30
CA THR B 197 -16.67 14.62 -27.98
C THR B 197 -15.19 14.47 -27.65
N HIS B 198 -14.36 15.31 -28.27
CA HIS B 198 -12.92 15.26 -28.06
C HIS B 198 -12.34 16.63 -28.32
N GLN B 199 -11.16 16.89 -27.72
CA GLN B 199 -10.54 18.20 -27.84
C GLN B 199 -10.26 18.57 -29.30
N GLY B 200 -9.88 17.59 -30.11
CA GLY B 200 -9.62 17.79 -31.52
C GLY B 200 -10.84 17.96 -32.39
N LEU B 201 -12.04 17.80 -31.83
CA LEU B 201 -13.28 17.97 -32.57
C LEU B 201 -13.91 19.30 -32.18
N SER B 202 -14.11 20.17 -33.17
CA SER B 202 -14.74 21.46 -32.90
C SER B 202 -16.19 21.29 -32.47
N SER B 203 -16.87 20.28 -33.00
CA SER B 203 -18.22 19.91 -32.59
C SER B 203 -18.31 18.40 -32.50
N PRO B 204 -19.17 17.87 -31.63
CA PRO B 204 -19.25 16.42 -31.46
C PRO B 204 -19.64 15.71 -32.74
N VAL B 205 -18.88 14.67 -33.08
CA VAL B 205 -19.13 13.85 -34.26
C VAL B 205 -20.05 12.70 -33.88
N THR B 206 -21.05 12.44 -34.72
CA THR B 206 -22.02 11.38 -34.49
C THR B 206 -22.00 10.41 -35.67
N LYS B 207 -21.77 9.13 -35.36
CA LYS B 207 -21.88 8.06 -36.34
C LYS B 207 -23.05 7.16 -35.96
N SER B 208 -23.86 6.80 -36.94
CA SER B 208 -25.10 6.08 -36.65
C SER B 208 -25.45 5.14 -37.80
N PHE B 209 -26.36 4.22 -37.50
CA PHE B 209 -26.95 3.33 -38.50
C PHE B 209 -28.40 3.09 -38.12
N ASN B 210 -29.23 2.82 -39.13
CA ASN B 210 -30.61 2.41 -38.91
C ASN B 210 -30.68 0.89 -38.96
N ARG B 211 -31.35 0.30 -37.98
CA ARG B 211 -31.43 -1.15 -37.89
C ARG B 211 -32.13 -1.72 -39.11
N GLY B 212 -31.51 -2.72 -39.73
CA GLY B 212 -32.09 -3.37 -40.89
C GLY B 212 -31.98 -2.56 -42.17
N GLU B 213 -30.90 -1.82 -42.34
CA GLU B 213 -30.69 -1.03 -43.55
C GLU B 213 -29.23 -1.07 -43.99
N THR C 7 20.74 4.42 54.58
CA THR C 7 20.35 4.03 53.23
C THR C 7 20.12 5.25 52.34
N ASN C 8 20.61 5.17 51.11
CA ASN C 8 20.54 6.27 50.16
C ASN C 8 19.58 5.93 49.01
N LEU C 9 19.17 6.97 48.30
CA LEU C 9 18.25 6.81 47.19
C LEU C 9 18.94 6.11 46.01
N CYS C 10 18.12 5.49 45.16
CA CYS C 10 18.65 4.80 44.00
C CYS C 10 19.11 5.82 42.96
N PRO C 11 20.19 5.54 42.23
CA PRO C 11 20.74 6.51 41.27
C PRO C 11 19.97 6.56 39.97
N PHE C 12 18.67 6.81 40.06
CA PHE C 12 17.86 6.97 38.85
C PHE C 12 18.18 8.27 38.11
N ASP C 13 18.72 9.28 38.82
CA ASP C 13 19.11 10.51 38.15
C ASP C 13 20.22 10.25 37.13
N GLU C 14 21.16 9.38 37.46
CA GLU C 14 22.24 9.06 36.54
C GLU C 14 21.73 8.35 35.29
N VAL C 15 20.61 7.64 35.40
CA VAL C 15 20.06 6.90 34.28
C VAL C 15 19.14 7.78 33.44
N PHE C 16 18.19 8.46 34.08
CA PHE C 16 17.19 9.21 33.33
C PHE C 16 17.76 10.50 32.76
N ASN C 17 18.63 11.17 33.52
CA ASN C 17 19.14 12.48 33.15
C ASN C 17 20.57 12.43 32.62
N ALA C 18 21.01 11.29 32.12
CA ALA C 18 22.34 11.19 31.55
C ALA C 18 22.46 12.06 30.30
N THR C 19 23.67 12.58 30.07
CA THR C 19 23.89 13.49 28.96
C THR C 19 23.69 12.78 27.62
N ARG C 20 24.34 11.63 27.44
CA ARG C 20 24.23 10.85 26.22
C ARG C 20 23.73 9.45 26.54
N PHE C 21 22.83 8.95 25.70
CA PHE C 21 22.34 7.58 25.78
C PHE C 21 23.12 6.71 24.80
N ALA C 22 22.87 5.41 24.86
CA ALA C 22 23.54 4.47 23.98
C ALA C 22 22.67 4.18 22.76
N SER C 23 23.32 3.70 21.70
CA SER C 23 22.58 3.16 20.57
C SER C 23 21.85 1.90 20.99
N VAL C 24 20.72 1.62 20.32
CA VAL C 24 19.85 0.55 20.79
C VAL C 24 20.53 -0.81 20.65
N TYR C 25 21.35 -1.01 19.62
CA TYR C 25 22.03 -2.29 19.47
C TYR C 25 23.07 -2.51 20.56
N ALA C 26 23.65 -1.44 21.08
CA ALA C 26 24.58 -1.54 22.20
C ALA C 26 23.96 -0.92 23.44
N TRP C 27 22.75 -1.37 23.79
CA TRP C 27 21.98 -0.75 24.86
C TRP C 27 22.71 -0.87 26.19
N ASN C 28 22.64 0.21 26.98
CA ASN C 28 23.27 0.24 28.30
C ASN C 28 22.38 -0.44 29.32
N ARG C 29 23.02 -0.99 30.36
CA ARG C 29 22.32 -1.60 31.49
C ARG C 29 22.97 -1.13 32.77
N LYS C 30 22.15 -0.72 33.73
CA LYS C 30 22.61 -0.26 35.04
C LYS C 30 21.99 -1.16 36.11
N ARG C 31 22.84 -1.88 36.84
CA ARG C 31 22.37 -2.75 37.91
C ARG C 31 22.13 -1.92 39.16
N ILE C 32 20.91 -1.99 39.70
CA ILE C 32 20.49 -1.16 40.81
C ILE C 32 20.32 -2.04 42.04
N SER C 33 21.05 -1.70 43.11
CA SER C 33 21.02 -2.49 44.34
C SER C 33 21.45 -1.61 45.50
N ASN C 34 21.00 -2.01 46.69
CA ASN C 34 21.36 -1.34 47.95
C ASN C 34 20.93 0.14 47.92
N CYS C 35 19.62 0.35 47.79
CA CYS C 35 19.08 1.71 47.73
C CYS C 35 17.56 1.66 47.85
N VAL C 36 16.98 2.81 48.19
CA VAL C 36 15.55 2.99 48.29
C VAL C 36 15.06 3.80 47.11
N ALA C 37 13.94 3.40 46.52
CA ALA C 37 13.42 4.03 45.31
C ALA C 37 11.96 4.39 45.49
N ASP C 38 11.62 5.65 45.20
CA ASP C 38 10.24 6.10 45.16
C ASP C 38 9.76 5.96 43.72
N TYR C 39 9.01 4.90 43.44
CA TYR C 39 8.60 4.62 42.06
C TYR C 39 7.35 5.39 41.66
N SER C 40 6.42 5.62 42.59
CA SER C 40 5.21 6.34 42.25
C SER C 40 5.48 7.79 41.89
N VAL C 41 6.57 8.38 42.38
CA VAL C 41 6.98 9.70 41.93
C VAL C 41 7.42 9.65 40.47
N LEU C 42 8.07 8.55 40.06
CA LEU C 42 8.45 8.40 38.67
C LEU C 42 7.22 8.33 37.76
N TYR C 43 6.17 7.64 38.20
CA TYR C 43 5.00 7.50 37.35
C TYR C 43 4.24 8.81 37.19
N ASN C 44 4.24 9.66 38.23
CA ASN C 44 3.57 10.94 38.15
C ASN C 44 4.35 11.99 37.37
N PHE C 45 5.56 11.65 36.90
CA PHE C 45 6.35 12.57 36.10
C PHE C 45 5.71 12.72 34.72
N ALA C 46 5.05 13.85 34.49
CA ALA C 46 4.39 14.07 33.21
C ALA C 46 5.32 14.04 32.01
N PRO C 47 6.56 14.55 32.06
CA PRO C 47 7.45 14.45 30.89
C PRO C 47 7.70 13.03 30.39
N PHE C 48 7.29 12.00 31.13
CA PHE C 48 7.36 10.63 30.65
C PHE C 48 6.18 10.40 29.71
N PHE C 49 6.44 10.51 28.41
CA PHE C 49 5.37 10.34 27.42
C PHE C 49 4.78 8.93 27.50
N ALA C 50 5.61 7.94 27.82
CA ALA C 50 5.18 6.57 27.95
C ALA C 50 5.62 6.03 29.30
N PHE C 51 4.72 5.30 29.97
CA PHE C 51 5.04 4.63 31.23
C PHE C 51 4.12 3.41 31.31
N LYS C 52 4.56 2.31 30.69
CA LYS C 52 3.77 1.10 30.59
C LYS C 52 4.44 -0.02 31.37
N CYS C 53 3.71 -0.62 32.29
CA CYS C 53 4.22 -1.70 33.12
C CYS C 53 3.54 -3.01 32.77
N TYR C 54 4.23 -4.12 33.01
CA TYR C 54 3.76 -5.45 32.67
C TYR C 54 3.96 -6.38 33.85
N GLY C 55 2.92 -7.14 34.20
CA GLY C 55 2.99 -8.00 35.36
C GLY C 55 2.95 -7.29 36.70
N VAL C 56 2.73 -5.97 36.70
CA VAL C 56 2.72 -5.18 37.93
C VAL C 56 2.09 -3.82 37.65
N SER C 57 1.26 -3.34 38.58
CA SER C 57 0.74 -1.98 38.45
C SER C 57 1.79 -0.98 38.95
N PRO C 58 1.93 0.18 38.29
CA PRO C 58 2.98 1.12 38.68
C PRO C 58 2.88 1.59 40.13
N THR C 59 1.67 1.93 40.58
CA THR C 59 1.49 2.44 41.94
C THR C 59 1.75 1.38 43.01
N LYS C 60 2.02 0.13 42.64
CA LYS C 60 2.30 -0.93 43.60
C LYS C 60 3.78 -1.19 43.81
N LEU C 61 4.65 -0.59 43.00
CA LEU C 61 6.08 -0.87 43.10
C LEU C 61 6.67 -0.42 44.43
N ASN C 62 6.15 0.66 45.00
CA ASN C 62 6.68 1.19 46.25
C ASN C 62 6.47 0.23 47.42
N ASP C 63 5.57 -0.74 47.29
CA ASP C 63 5.25 -1.66 48.37
C ASP C 63 5.84 -3.05 48.14
N LEU C 64 6.90 -3.15 47.35
CA LEU C 64 7.50 -4.44 47.01
C LEU C 64 9.02 -4.33 47.06
N CYS C 65 9.65 -5.46 47.39
CA CYS C 65 11.10 -5.59 47.36
C CYS C 65 11.49 -6.63 46.32
N PHE C 66 12.73 -6.53 45.85
CA PHE C 66 13.24 -7.41 44.82
C PHE C 66 14.75 -7.53 44.96
N THR C 67 15.30 -8.62 44.42
CA THR C 67 16.73 -8.86 44.54
C THR C 67 17.53 -7.77 43.84
N ASN C 68 17.32 -7.58 42.55
CA ASN C 68 18.00 -6.54 41.79
C ASN C 68 17.04 -5.94 40.78
N VAL C 69 17.22 -4.64 40.53
CA VAL C 69 16.53 -3.93 39.47
C VAL C 69 17.54 -3.60 38.39
N TYR C 70 17.19 -3.89 37.14
CA TYR C 70 18.01 -3.52 35.99
C TYR C 70 17.36 -2.37 35.26
N ALA C 71 18.17 -1.36 34.91
CA ALA C 71 17.70 -0.17 34.23
C ALA C 71 18.42 -0.08 32.88
N ASP C 72 17.72 -0.51 31.83
CA ASP C 72 18.27 -0.47 30.47
C ASP C 72 17.83 0.81 29.77
N SER C 73 18.77 1.43 29.05
CA SER C 73 18.49 2.69 28.38
C SER C 73 19.17 2.70 27.00
N PHE C 74 18.52 3.40 26.07
CA PHE C 74 19.00 3.51 24.70
C PHE C 74 18.14 4.57 24.00
N VAL C 75 18.41 4.77 22.71
CA VAL C 75 17.68 5.73 21.89
C VAL C 75 17.18 5.01 20.63
N ILE C 76 15.89 5.18 20.35
CA ILE C 76 15.27 4.68 19.13
C ILE C 76 14.45 5.81 18.51
N ARG C 77 13.84 5.53 17.36
CA ARG C 77 12.98 6.51 16.73
C ARG C 77 11.58 6.41 17.32
N GLY C 78 10.75 7.41 17.01
CA GLY C 78 9.45 7.52 17.66
C GLY C 78 8.55 6.33 17.40
N ASN C 79 8.34 5.98 16.13
CA ASN C 79 7.43 4.90 15.79
C ASN C 79 8.02 3.51 16.02
N GLU C 80 9.14 3.42 16.74
CA GLU C 80 9.69 2.15 17.20
C GLU C 80 9.45 1.92 18.68
N VAL C 81 8.95 2.92 19.41
CA VAL C 81 8.73 2.78 20.85
C VAL C 81 7.73 1.67 21.14
N SER C 82 6.76 1.46 20.25
CA SER C 82 5.81 0.37 20.44
C SER C 82 6.49 -1.00 20.45
N GLN C 83 7.67 -1.11 19.84
CA GLN C 83 8.37 -2.40 19.82
C GLN C 83 9.02 -2.73 21.15
N ILE C 84 9.07 -1.80 22.10
CA ILE C 84 9.71 -2.04 23.40
C ILE C 84 8.61 -2.53 24.34
N ALA C 85 8.23 -3.79 24.15
CA ALA C 85 7.17 -4.41 24.94
C ALA C 85 7.27 -5.92 24.76
N PRO C 86 6.76 -6.70 25.71
CA PRO C 86 6.79 -8.16 25.53
C PRO C 86 5.92 -8.60 24.36
N GLY C 87 6.42 -9.58 23.62
CA GLY C 87 5.69 -10.14 22.50
C GLY C 87 5.76 -9.34 21.22
N GLN C 88 6.51 -8.25 21.18
CA GLN C 88 6.58 -7.41 19.99
C GLN C 88 7.55 -7.99 18.98
N THR C 89 7.29 -7.68 17.70
CA THR C 89 8.15 -8.05 16.59
C THR C 89 8.58 -6.78 15.86
N GLY C 90 9.52 -6.94 14.96
CA GLY C 90 10.01 -5.84 14.14
C GLY C 90 11.51 -5.64 14.29
N ASN C 91 11.99 -4.63 13.55
CA ASN C 91 13.42 -4.37 13.46
C ASN C 91 14.08 -4.28 14.84
N ILE C 92 13.49 -3.52 15.75
CA ILE C 92 14.12 -3.27 17.04
C ILE C 92 13.91 -4.45 17.99
N ALA C 93 12.65 -4.87 18.13
CA ALA C 93 12.33 -5.94 19.08
C ALA C 93 12.99 -7.27 18.70
N ASP C 94 13.34 -7.48 17.43
CA ASP C 94 13.90 -8.75 17.01
C ASP C 94 15.42 -8.75 16.88
N TYR C 95 16.03 -7.62 16.50
CA TYR C 95 17.45 -7.59 16.21
C TYR C 95 18.25 -6.66 17.12
N ASN C 96 17.60 -5.92 18.03
CA ASN C 96 18.32 -4.94 18.82
C ASN C 96 18.09 -5.10 20.32
N TYR C 97 16.84 -4.99 20.76
CA TYR C 97 16.50 -5.08 22.17
C TYR C 97 15.18 -5.83 22.30
N LYS C 98 15.23 -7.03 22.87
CA LYS C 98 14.06 -7.89 23.03
C LYS C 98 13.76 -8.12 24.51
N LEU C 99 12.49 -8.03 24.87
CA LEU C 99 11.99 -8.34 26.19
C LEU C 99 11.35 -9.72 26.21
N PRO C 100 11.49 -10.48 27.30
CA PRO C 100 10.86 -11.79 27.37
C PRO C 100 9.34 -11.68 27.46
N ASP C 101 8.66 -12.78 27.12
CA ASP C 101 7.21 -12.77 27.16
C ASP C 101 6.69 -12.62 28.58
N ASP C 102 7.37 -13.22 29.56
CA ASP C 102 7.02 -13.09 30.97
C ASP C 102 7.67 -11.87 31.61
N PHE C 103 7.95 -10.83 30.84
CA PHE C 103 8.64 -9.65 31.36
C PHE C 103 7.84 -9.00 32.48
N THR C 104 8.53 -8.71 33.58
CA THR C 104 7.95 -8.01 34.71
C THR C 104 8.72 -6.71 34.91
N GLY C 105 8.08 -5.59 34.62
CA GLY C 105 8.74 -4.30 34.75
C GLY C 105 7.97 -3.24 33.97
N CYS C 106 8.61 -2.08 33.85
CA CYS C 106 7.99 -0.92 33.22
C CYS C 106 8.88 -0.38 32.11
N VAL C 107 8.23 0.13 31.07
CA VAL C 107 8.91 0.75 29.93
C VAL C 107 8.62 2.24 29.96
N ILE C 108 9.67 3.05 29.96
CA ILE C 108 9.58 4.50 30.09
C ILE C 108 10.26 5.13 28.88
N ALA C 109 9.58 6.07 28.25
CA ALA C 109 10.12 6.72 27.06
C ALA C 109 9.65 8.16 27.01
N TRP C 110 10.48 9.01 26.39
CA TRP C 110 10.13 10.42 26.22
C TRP C 110 10.87 10.97 25.00
N ASN C 111 10.28 11.98 24.39
CA ASN C 111 10.88 12.61 23.22
C ASN C 111 12.15 13.37 23.61
N SER C 112 13.22 13.12 22.87
CA SER C 112 14.51 13.75 23.11
C SER C 112 15.00 14.49 21.86
N ASN C 113 14.07 15.10 21.13
CA ASN C 113 14.43 15.82 19.90
C ASN C 113 15.37 16.97 20.20
N LYS C 114 15.20 17.63 21.35
CA LYS C 114 16.03 18.78 21.68
C LYS C 114 17.44 18.39 22.06
N LEU C 115 17.70 17.12 22.36
CA LEU C 115 19.02 16.65 22.77
C LEU C 115 19.71 15.80 21.72
N ASP C 116 18.99 14.88 21.07
CA ASP C 116 19.61 13.89 20.21
C ASP C 116 19.41 14.18 18.72
N SER C 117 18.70 15.24 18.36
CA SER C 117 18.61 15.66 16.97
C SER C 117 19.59 16.81 16.73
N LYS C 118 19.99 16.95 15.47
CA LYS C 118 21.01 17.92 15.09
C LYS C 118 20.75 18.36 13.66
N VAL C 119 20.74 19.68 13.44
CA VAL C 119 20.57 20.20 12.09
C VAL C 119 21.69 19.67 11.22
N GLY C 120 21.32 19.00 10.13
CA GLY C 120 22.28 18.29 9.31
C GLY C 120 22.39 16.82 9.61
N GLY C 121 21.82 16.36 10.72
CA GLY C 121 21.77 14.95 11.03
C GLY C 121 22.68 14.57 12.17
N ASN C 122 22.16 13.75 13.08
CA ASN C 122 22.94 13.14 14.15
C ASN C 122 23.10 11.67 13.83
N TYR C 123 24.30 11.27 13.41
CA TYR C 123 24.56 9.92 12.93
C TYR C 123 25.29 9.06 13.96
N ASN C 124 25.31 9.45 15.22
CA ASN C 124 25.96 8.64 16.25
C ASN C 124 25.08 7.48 16.70
N TYR C 125 23.76 7.66 16.69
CA TYR C 125 22.86 6.60 17.11
C TYR C 125 22.66 5.62 15.96
N GLN C 126 22.87 4.34 16.25
CA GLN C 126 22.80 3.30 15.24
C GLN C 126 21.84 2.20 15.69
N TYR C 127 21.48 1.34 14.74
CA TYR C 127 20.64 0.19 15.01
C TYR C 127 21.04 -0.93 14.04
N ARG C 128 20.79 -2.17 14.45
CA ARG C 128 21.06 -3.31 13.60
C ARG C 128 19.90 -3.52 12.64
N LEU C 129 20.17 -3.45 11.34
CA LEU C 129 19.15 -3.70 10.33
C LEU C 129 19.17 -5.12 9.80
N PHE C 130 20.35 -5.74 9.68
CA PHE C 130 20.49 -7.08 9.13
C PHE C 130 20.97 -8.02 10.22
N ARG C 131 20.17 -9.06 10.48
CA ARG C 131 20.56 -10.14 11.39
C ARG C 131 19.88 -11.42 10.93
N LYS C 132 20.59 -12.54 11.09
CA LYS C 132 20.08 -13.80 10.56
C LYS C 132 18.91 -14.34 11.38
N SER C 133 19.03 -14.30 12.71
CA SER C 133 17.97 -14.80 13.59
CA SER C 133 17.98 -14.80 13.59
C SER C 133 17.67 -13.75 14.66
N ASN C 134 16.59 -13.98 15.39
CA ASN C 134 16.17 -13.04 16.43
C ASN C 134 17.09 -13.15 17.65
N LEU C 135 17.18 -12.03 18.39
CA LEU C 135 17.89 -12.03 19.64
C LEU C 135 17.11 -12.78 20.72
N LYS C 136 17.83 -13.36 21.66
CA LYS C 136 17.18 -13.84 22.87
C LYS C 136 16.86 -12.64 23.76
N PRO C 137 15.89 -12.79 24.67
CA PRO C 137 15.54 -11.67 25.56
C PRO C 137 16.75 -11.19 26.35
N PHE C 138 16.94 -9.87 26.37
CA PHE C 138 18.02 -9.20 27.09
C PHE C 138 19.40 -9.54 26.53
N GLU C 139 19.48 -9.94 25.27
CA GLU C 139 20.76 -10.18 24.63
C GLU C 139 21.24 -8.91 23.93
N ARG C 140 22.53 -8.63 24.09
CA ARG C 140 23.16 -7.45 23.50
CA ARG C 140 23.16 -7.46 23.49
C ARG C 140 24.17 -7.92 22.44
N ASP C 141 23.90 -7.60 21.18
CA ASP C 141 24.75 -7.98 20.06
C ASP C 141 25.41 -6.73 19.50
N ILE C 142 26.74 -6.66 19.61
CA ILE C 142 27.51 -5.52 19.12
C ILE C 142 28.44 -5.91 17.99
N SER C 143 28.21 -7.06 17.36
CA SER C 143 29.08 -7.50 16.28
C SER C 143 28.81 -6.68 15.02
N THR C 144 29.89 -6.38 14.30
CA THR C 144 29.83 -5.60 13.06
C THR C 144 30.36 -6.40 11.88
N GLU C 145 30.06 -7.70 11.87
CA GLU C 145 30.47 -8.56 10.77
C GLU C 145 29.56 -8.37 9.58
N ILE C 146 30.15 -8.39 8.37
CA ILE C 146 29.39 -8.19 7.15
C ILE C 146 28.32 -9.28 7.04
N TYR C 147 27.08 -8.86 6.78
CA TYR C 147 25.97 -9.79 6.73
C TYR C 147 25.89 -10.45 5.35
N GLN C 148 25.84 -11.78 5.34
CA GLN C 148 25.82 -12.55 4.10
C GLN C 148 24.37 -12.83 3.71
N ALA C 149 23.93 -12.23 2.59
CA ALA C 149 22.57 -12.38 2.11
C ALA C 149 22.42 -13.42 1.01
N GLY C 150 23.52 -13.95 0.48
CA GLY C 150 23.47 -15.01 -0.51
C GLY C 150 24.29 -16.21 -0.10
N ASN C 151 24.58 -17.11 -1.02
CA ASN C 151 25.40 -18.28 -0.71
C ASN C 151 26.90 -18.01 -0.86
N LYS C 152 27.29 -16.84 -1.34
CA LYS C 152 28.72 -16.57 -1.44
C LYS C 152 29.21 -15.82 -0.21
N PRO C 153 30.34 -16.24 0.35
CA PRO C 153 30.87 -15.58 1.54
C PRO C 153 31.39 -14.18 1.22
N CYS C 154 31.36 -13.31 2.24
CA CYS C 154 31.69 -11.91 2.04
C CYS C 154 33.16 -11.59 2.31
N ASN C 155 33.82 -12.38 3.18
CA ASN C 155 35.22 -12.16 3.53
C ASN C 155 35.44 -10.76 4.08
N GLY C 156 34.48 -10.28 4.87
CA GLY C 156 34.57 -8.95 5.46
C GLY C 156 34.52 -7.80 4.50
N VAL C 157 34.09 -8.02 3.25
CA VAL C 157 34.03 -6.98 2.23
C VAL C 157 32.57 -6.74 1.87
N ALA C 158 32.15 -5.49 1.90
CA ALA C 158 30.78 -5.16 1.53
C ALA C 158 30.61 -5.22 0.01
N GLY C 159 29.36 -5.45 -0.40
CA GLY C 159 29.04 -5.56 -1.82
C GLY C 159 27.63 -6.06 -2.02
N PHE C 160 27.40 -6.67 -3.18
CA PHE C 160 26.11 -7.29 -3.44
C PHE C 160 25.94 -8.53 -2.58
N ASN C 161 24.79 -8.64 -1.92
CA ASN C 161 24.50 -9.68 -0.93
C ASN C 161 25.51 -9.70 0.20
N CYS C 162 26.16 -8.56 0.47
CA CYS C 162 27.15 -8.46 1.54
C CYS C 162 27.03 -7.06 2.13
N TYR C 163 26.28 -6.94 3.22
CA TYR C 163 25.87 -5.65 3.74
C TYR C 163 26.36 -5.46 5.17
N PHE C 164 26.86 -4.26 5.45
CA PHE C 164 27.19 -3.89 6.81
C PHE C 164 25.93 -3.92 7.66
N PRO C 165 25.97 -4.54 8.85
CA PRO C 165 24.71 -4.79 9.58
C PRO C 165 24.12 -3.58 10.27
N LEU C 166 24.92 -2.56 10.59
CA LEU C 166 24.42 -1.40 11.31
C LEU C 166 24.06 -0.26 10.35
N ARG C 167 23.14 0.58 10.80
CA ARG C 167 22.71 1.76 10.06
C ARG C 167 22.45 2.89 11.05
N SER C 168 22.69 4.12 10.62
CA SER C 168 22.50 5.28 11.46
C SER C 168 21.08 5.84 11.29
N TYR C 169 20.59 6.47 12.36
CA TYR C 169 19.26 7.08 12.31
C TYR C 169 19.30 8.44 11.62
N GLY C 170 20.33 9.24 11.90
CA GLY C 170 20.44 10.56 11.32
C GLY C 170 19.33 11.49 11.76
N PHE C 171 19.09 11.56 13.07
CA PHE C 171 18.00 12.37 13.60
C PHE C 171 18.18 13.84 13.25
N ARG C 172 17.13 14.43 12.70
CA ARG C 172 17.07 15.85 12.41
C ARG C 172 15.91 16.49 13.18
N PRO C 173 16.07 17.73 13.63
CA PRO C 173 14.99 18.36 14.43
C PRO C 173 13.71 18.55 13.65
N THR C 174 13.75 18.53 12.33
CA THR C 174 12.58 18.78 11.50
C THR C 174 11.83 17.53 11.10
N TYR C 175 12.35 16.34 11.47
CA TYR C 175 11.58 15.12 11.27
C TYR C 175 10.31 15.15 12.10
N GLY C 176 9.32 14.38 11.67
CA GLY C 176 8.14 14.17 12.48
C GLY C 176 8.46 13.34 13.71
N VAL C 177 7.51 13.32 14.64
CA VAL C 177 7.72 12.62 15.90
C VAL C 177 8.01 11.14 15.68
N GLY C 178 7.48 10.57 14.59
CA GLY C 178 7.76 9.17 14.31
C GLY C 178 9.21 8.90 13.98
N HIS C 179 9.90 9.89 13.43
CA HIS C 179 11.32 9.76 13.09
C HIS C 179 12.21 10.64 13.96
N GLN C 180 11.65 11.24 15.00
CA GLN C 180 12.45 11.95 15.99
C GLN C 180 13.00 10.97 17.02
N PRO C 181 14.07 11.33 17.72
CA PRO C 181 14.64 10.41 18.72
C PRO C 181 13.81 10.38 19.98
N TYR C 182 13.71 9.19 20.57
CA TYR C 182 13.08 8.99 21.87
C TYR C 182 14.05 8.22 22.76
N ARG C 183 14.23 8.71 23.99
CA ARG C 183 15.05 8.02 24.97
C ARG C 183 14.17 7.07 25.77
N VAL C 184 14.63 5.83 25.91
CA VAL C 184 13.86 4.77 26.55
C VAL C 184 14.62 4.26 27.76
N VAL C 185 13.89 4.02 28.85
CA VAL C 185 14.44 3.41 30.05
C VAL C 185 13.53 2.25 30.44
N VAL C 186 14.06 1.03 30.37
CA VAL C 186 13.30 -0.17 30.72
C VAL C 186 13.77 -0.65 32.09
N LEU C 187 12.85 -0.67 33.05
CA LEU C 187 13.13 -1.13 34.41
C LEU C 187 12.63 -2.56 34.55
N SER C 188 13.56 -3.49 34.76
CA SER C 188 13.21 -4.89 34.99
CA SER C 188 13.24 -4.90 34.98
C SER C 188 13.45 -5.23 36.46
N PHE C 189 12.57 -6.07 37.01
CA PHE C 189 12.62 -6.42 38.42
C PHE C 189 12.92 -7.90 38.56
N GLU C 190 13.97 -8.21 39.32
CA GLU C 190 14.47 -9.57 39.49
C GLU C 190 14.22 -10.02 40.92
N LEU C 191 13.62 -11.20 41.06
CA LEU C 191 13.34 -11.76 42.38
C LEU C 191 14.14 -13.04 42.64
N VAL C 198 16.60 -3.27 47.07
CA VAL C 198 15.83 -2.17 46.52
C VAL C 198 14.34 -2.36 46.83
N CYS C 199 13.76 -1.39 47.52
CA CYS C 199 12.35 -1.45 47.87
C CYS C 199 11.68 -0.09 47.64
N GLN D 1 -11.83 -11.18 21.41
CA GLN D 1 -13.21 -10.91 21.81
C GLN D 1 -13.32 -9.57 22.52
N VAL D 2 -12.21 -8.83 22.55
CA VAL D 2 -12.21 -7.51 23.16
C VAL D 2 -12.90 -6.54 22.22
N GLN D 3 -13.97 -5.91 22.72
CA GLN D 3 -14.75 -4.96 21.94
C GLN D 3 -14.87 -3.66 22.69
N LEU D 4 -14.55 -2.55 22.03
CA LEU D 4 -14.65 -1.22 22.60
C LEU D 4 -15.81 -0.49 21.94
N VAL D 5 -16.90 -0.32 22.69
CA VAL D 5 -18.06 0.43 22.23
C VAL D 5 -17.97 1.83 22.82
N GLU D 6 -17.72 2.83 21.98
CA GLU D 6 -17.71 4.20 22.41
C GLU D 6 -18.88 4.96 21.79
N SER D 7 -19.50 5.83 22.58
CA SER D 7 -20.63 6.62 22.15
C SER D 7 -20.45 8.04 22.67
N GLY D 8 -21.38 8.91 22.32
CA GLY D 8 -21.31 10.31 22.70
C GLY D 8 -20.75 11.18 21.60
N GLY D 9 -20.51 12.43 21.95
CA GLY D 9 -20.01 13.41 21.02
C GLY D 9 -21.11 14.29 20.45
N GLY D 10 -20.70 15.42 19.92
CA GLY D 10 -21.66 16.36 19.35
C GLY D 10 -21.05 17.74 19.22
N LEU D 11 -21.95 18.73 19.11
CA LEU D 11 -21.56 20.12 18.90
C LEU D 11 -21.98 20.95 20.12
N VAL D 12 -21.04 21.73 20.63
CA VAL D 12 -21.28 22.58 21.79
C VAL D 12 -20.55 23.91 21.58
N GLN D 13 -21.05 24.95 22.25
CA GLN D 13 -20.46 26.26 22.16
C GLN D 13 -19.22 26.35 23.06
N PRO D 14 -18.34 27.32 22.81
CA PRO D 14 -17.14 27.47 23.67
C PRO D 14 -17.54 27.67 25.12
N GLY D 15 -17.04 26.77 25.98
CA GLY D 15 -17.38 26.78 27.39
C GLY D 15 -18.37 25.73 27.80
N GLY D 16 -18.97 25.00 26.85
CA GLY D 16 -19.92 23.96 27.18
C GLY D 16 -19.25 22.63 27.48
N SER D 17 -20.07 21.68 27.91
CA SER D 17 -19.59 20.37 28.34
C SER D 17 -20.12 19.28 27.41
N LEU D 18 -19.50 18.10 27.51
CA LEU D 18 -19.79 16.95 26.67
C LEU D 18 -19.11 15.74 27.30
N ARG D 19 -19.82 14.62 27.35
CA ARG D 19 -19.29 13.40 27.98
C ARG D 19 -19.22 12.28 26.96
N LEU D 20 -18.04 11.69 26.82
CA LEU D 20 -17.83 10.50 26.00
C LEU D 20 -17.74 9.27 26.90
N SER D 21 -18.23 8.14 26.39
CA SER D 21 -18.18 6.88 27.11
C SER D 21 -17.52 5.83 26.23
N CYS D 22 -16.98 4.80 26.87
CA CYS D 22 -16.34 3.70 26.16
C CYS D 22 -16.52 2.44 27.00
N ALA D 23 -17.44 1.57 26.56
CA ALA D 23 -17.75 0.33 27.26
C ALA D 23 -16.77 -0.74 26.82
N ALA D 24 -15.78 -1.03 27.67
CA ALA D 24 -14.81 -2.06 27.41
C ALA D 24 -15.34 -3.41 27.87
N SER D 25 -15.31 -4.39 26.96
CA SER D 25 -15.76 -5.74 27.26
C SER D 25 -14.86 -6.74 26.56
N GLY D 26 -14.69 -7.91 27.18
CA GLY D 26 -13.89 -8.98 26.63
C GLY D 26 -12.61 -9.25 27.38
N PHE D 27 -12.16 -8.32 28.22
CA PHE D 27 -10.93 -8.52 28.97
C PHE D 27 -11.14 -9.55 30.07
N THR D 28 -10.13 -10.38 30.30
CA THR D 28 -10.22 -11.44 31.30
C THR D 28 -9.87 -10.97 32.70
N ASN D 29 -9.23 -9.81 32.82
CA ASN D 29 -8.83 -9.29 34.12
C ASN D 29 -8.86 -7.76 34.06
N ASP D 30 -8.33 -7.13 35.10
CA ASP D 30 -8.28 -5.68 35.20
C ASP D 30 -6.94 -5.11 34.76
N PHE D 31 -6.02 -5.95 34.26
CA PHE D 31 -4.70 -5.48 33.86
C PHE D 31 -4.76 -5.00 32.41
N TYR D 32 -5.32 -3.81 32.24
CA TYR D 32 -5.32 -3.11 30.96
C TYR D 32 -5.43 -1.62 31.24
N SER D 33 -5.31 -0.83 30.17
CA SER D 33 -5.35 0.63 30.30
C SER D 33 -6.15 1.21 29.14
N ILE D 34 -6.84 2.32 29.44
CA ILE D 34 -7.66 3.02 28.47
C ILE D 34 -7.00 4.35 28.14
N ALA D 35 -7.05 4.74 26.88
CA ALA D 35 -6.56 6.03 26.43
C ALA D 35 -7.59 6.68 25.51
N TRP D 36 -7.70 7.99 25.61
CA TRP D 36 -8.57 8.78 24.74
C TRP D 36 -7.68 9.56 23.77
N PHE D 37 -7.78 9.23 22.49
CA PHE D 37 -7.07 9.94 21.43
C PHE D 37 -8.05 10.85 20.68
N ARG D 38 -7.51 11.93 20.12
CA ARG D 38 -8.30 12.80 19.27
C ARG D 38 -7.48 13.16 18.03
N GLN D 39 -8.19 13.50 16.96
CA GLN D 39 -7.56 13.69 15.66
C GLN D 39 -8.23 14.89 14.97
N ALA D 40 -7.51 16.01 14.93
CA ALA D 40 -7.96 17.17 14.15
C ALA D 40 -8.02 16.78 12.68
N PRO D 41 -8.81 17.52 11.87
CA PRO D 41 -8.99 17.12 10.46
C PRO D 41 -7.70 16.88 9.69
N GLY D 42 -6.69 17.73 9.86
CA GLY D 42 -5.47 17.57 9.11
C GLY D 42 -4.27 17.14 9.93
N LYS D 43 -4.42 17.12 11.25
CA LYS D 43 -3.30 16.86 12.15
C LYS D 43 -3.21 15.36 12.44
N GLU D 44 -2.53 15.00 13.52
CA GLU D 44 -2.28 13.61 13.89
C GLU D 44 -3.19 13.18 15.04
N ARG D 45 -3.09 11.90 15.39
CA ARG D 45 -3.88 11.32 16.47
C ARG D 45 -3.08 11.45 17.76
N GLU D 46 -3.54 12.32 18.65
CA GLU D 46 -2.83 12.67 19.87
C GLU D 46 -3.62 12.22 21.10
N GLY D 47 -2.91 11.73 22.12
CA GLY D 47 -3.56 11.35 23.35
C GLY D 47 -3.79 12.55 24.26
N VAL D 48 -4.90 12.51 25.00
CA VAL D 48 -5.28 13.62 25.87
C VAL D 48 -5.51 13.15 27.30
N SER D 49 -5.96 11.90 27.46
CA SER D 49 -6.28 11.40 28.79
C SER D 49 -6.06 9.89 28.84
N TRP D 50 -5.57 9.41 29.97
CA TRP D 50 -5.28 7.99 30.16
C TRP D 50 -5.86 7.52 31.49
N LEU D 51 -6.15 6.22 31.54
CA LEU D 51 -6.63 5.61 32.78
C LEU D 51 -6.09 4.19 32.86
N SER D 52 -5.22 3.93 33.83
CA SER D 52 -4.75 2.58 34.12
C SER D 52 -5.76 1.93 35.05
N VAL D 53 -6.46 0.89 34.56
CA VAL D 53 -7.62 0.37 35.26
C VAL D 53 -7.22 -0.35 36.54
N SER D 54 -6.12 -1.11 36.51
CA SER D 54 -5.79 -1.97 37.65
C SER D 54 -5.50 -1.16 38.90
N ASP D 55 -4.86 0.00 38.76
CA ASP D 55 -4.52 0.86 39.89
C ASP D 55 -5.30 2.16 39.93
N ASN D 56 -6.19 2.39 38.96
CA ASN D 56 -7.11 3.54 38.97
C ASN D 56 -6.35 4.86 39.04
N THR D 57 -5.42 5.06 38.09
CA THR D 57 -4.61 6.26 38.05
C THR D 57 -4.88 7.03 36.77
N PRO D 58 -5.39 8.26 36.84
CA PRO D 58 -5.60 9.05 35.63
C PRO D 58 -4.39 9.92 35.29
N THR D 59 -4.32 10.28 34.01
CA THR D 59 -3.28 11.18 33.51
C THR D 59 -3.88 12.07 32.44
N TYR D 60 -3.58 13.37 32.50
CA TYR D 60 -4.07 14.34 31.54
C TYR D 60 -2.92 15.13 30.95
N VAL D 61 -3.03 15.46 29.65
CA VAL D 61 -2.11 16.44 29.09
C VAL D 61 -2.40 17.81 29.69
N ASP D 62 -1.42 18.70 29.59
CA ASP D 62 -1.53 19.99 30.28
C ASP D 62 -2.63 20.85 29.69
N SER D 63 -2.93 20.71 28.40
CA SER D 63 -3.91 21.58 27.76
C SER D 63 -5.35 21.28 28.18
N VAL D 64 -5.59 20.18 28.88
CA VAL D 64 -6.95 19.80 29.27
C VAL D 64 -6.97 19.44 30.76
N LYS D 65 -5.90 19.81 31.49
CA LYS D 65 -5.69 19.27 32.82
C LYS D 65 -6.84 19.60 33.77
N ASP D 66 -7.20 20.87 33.85
CA ASP D 66 -8.27 21.31 34.73
C ASP D 66 -9.65 21.25 34.08
N ARG D 67 -9.74 20.75 32.85
CA ARG D 67 -10.99 20.75 32.10
C ARG D 67 -11.55 19.37 31.85
N PHE D 68 -10.70 18.39 31.54
CA PHE D 68 -11.16 17.03 31.30
C PHE D 68 -11.09 16.21 32.57
N THR D 69 -11.94 15.19 32.65
CA THR D 69 -11.98 14.27 33.78
C THR D 69 -12.28 12.87 33.27
N ILE D 70 -11.29 11.99 33.32
CA ILE D 70 -11.46 10.60 32.93
C ILE D 70 -11.79 9.78 34.17
N SER D 71 -12.66 8.78 33.99
CA SER D 71 -13.13 7.98 35.12
C SER D 71 -13.73 6.69 34.60
N ARG D 72 -13.90 5.73 35.50
CA ARG D 72 -14.45 4.43 35.16
C ARG D 72 -15.47 4.01 36.21
N HIS D 73 -16.65 3.60 35.76
CA HIS D 73 -17.65 3.01 36.64
C HIS D 73 -17.53 1.49 36.54
N ASN D 74 -17.18 0.85 37.64
CA ASN D 74 -16.86 -0.57 37.61
C ASN D 74 -18.07 -1.43 37.25
N ALA D 75 -19.28 -0.94 37.50
CA ALA D 75 -20.49 -1.70 37.25
C ALA D 75 -20.64 -2.06 35.78
N ASN D 76 -20.86 -1.05 34.94
CA ASN D 76 -21.08 -1.28 33.51
C ASN D 76 -19.78 -1.42 32.72
N ASN D 77 -18.63 -1.47 33.40
CA ASN D 77 -17.33 -1.66 32.77
C ASN D 77 -17.09 -0.62 31.67
N THR D 78 -17.37 0.64 32.01
CA THR D 78 -17.31 1.73 31.07
C THR D 78 -16.39 2.82 31.59
N VAL D 79 -15.59 3.40 30.69
CA VAL D 79 -14.71 4.52 31.00
C VAL D 79 -15.31 5.78 30.38
N TYR D 80 -15.48 6.82 31.20
CA TYR D 80 -16.07 8.08 30.76
C TYR D 80 -15.03 9.17 30.69
N LEU D 81 -15.25 10.12 29.78
CA LEU D 81 -14.40 11.30 29.63
C LEU D 81 -15.30 12.53 29.69
N GLN D 82 -15.37 13.16 30.86
CA GLN D 82 -16.16 14.36 31.05
C GLN D 82 -15.35 15.57 30.60
N MET D 83 -15.77 16.19 29.50
CA MET D 83 -15.05 17.32 28.91
C MET D 83 -15.82 18.60 29.22
N ASN D 84 -15.27 19.41 30.11
CA ASN D 84 -15.86 20.69 30.47
C ASN D 84 -14.97 21.83 29.96
N MET D 85 -15.56 23.03 29.92
CA MET D 85 -14.88 24.24 29.44
C MET D 85 -14.25 24.00 28.08
N LEU D 86 -15.04 23.44 27.16
CA LEU D 86 -14.54 23.07 25.85
C LEU D 86 -14.19 24.30 25.03
N LYS D 87 -13.07 24.23 24.34
CA LYS D 87 -12.54 25.30 23.51
C LYS D 87 -12.52 24.87 22.05
N PRO D 88 -12.48 25.82 21.11
CA PRO D 88 -12.39 25.44 19.69
C PRO D 88 -11.21 24.54 19.37
N GLU D 89 -10.14 24.60 20.17
CA GLU D 89 -8.99 23.72 19.96
C GLU D 89 -9.30 22.27 20.29
N ASP D 90 -10.44 21.98 20.90
CA ASP D 90 -10.84 20.62 21.23
C ASP D 90 -11.58 19.93 20.09
N THR D 91 -11.85 20.64 19.00
CA THR D 91 -12.58 20.06 17.87
C THR D 91 -11.74 18.97 17.21
N ALA D 92 -12.23 17.74 17.22
CA ALA D 92 -11.53 16.61 16.64
C ALA D 92 -12.44 15.40 16.64
N ILE D 93 -11.96 14.31 16.03
CA ILE D 93 -12.58 13.01 16.16
C ILE D 93 -11.90 12.29 17.32
N TYR D 94 -12.69 11.91 18.32
CA TYR D 94 -12.18 11.32 19.55
C TYR D 94 -12.32 9.80 19.50
N TYR D 95 -11.22 9.10 19.79
CA TYR D 95 -11.19 7.65 19.79
C TYR D 95 -10.95 7.12 21.19
N CYS D 96 -11.48 5.93 21.46
CA CYS D 96 -11.19 5.18 22.67
C CYS D 96 -10.23 4.05 22.32
N ALA D 97 -9.18 3.91 23.12
CA ALA D 97 -8.15 2.90 22.87
C ALA D 97 -7.87 2.11 24.14
N ALA D 98 -7.50 0.85 23.95
CA ALA D 98 -7.19 -0.05 25.06
C ALA D 98 -5.89 -0.79 24.77
N GLY D 99 -5.04 -0.90 25.78
CA GLY D 99 -3.78 -1.59 25.65
C GLY D 99 -3.59 -2.60 26.75
N ARG D 100 -2.82 -3.65 26.43
CA ARG D 100 -2.56 -4.74 27.37
C ARG D 100 -1.34 -4.42 28.21
N PHE D 101 -1.51 -3.41 29.08
CA PHE D 101 -0.46 -2.97 29.98
C PHE D 101 -1.09 -2.08 31.04
N ALA D 102 -0.34 -1.88 32.13
CA ALA D 102 -0.75 -1.00 33.21
C ALA D 102 0.04 0.31 33.09
N GLY D 103 -0.57 1.31 32.47
CA GLY D 103 0.09 2.59 32.32
C GLY D 103 -0.47 3.47 31.21
N ARG D 104 0.42 4.17 30.52
CA ARG D 104 0.02 5.14 29.51
C ARG D 104 1.09 5.21 28.44
N ASP D 105 0.67 5.63 27.24
CA ASP D 105 1.59 5.81 26.12
C ASP D 105 0.97 6.79 25.14
N THR D 106 1.82 7.61 24.51
CA THR D 106 1.38 8.62 23.56
C THR D 106 1.22 8.08 22.15
N TRP D 107 1.61 6.83 21.89
CA TRP D 107 1.64 6.30 20.54
C TRP D 107 0.40 5.48 20.27
N PRO D 108 -0.37 5.79 19.21
CA PRO D 108 -1.51 4.94 18.85
C PRO D 108 -1.10 3.51 18.56
N SER D 109 0.12 3.29 18.05
CA SER D 109 0.60 1.95 17.75
C SER D 109 0.82 1.10 19.00
N SER D 110 0.76 1.69 20.19
CA SER D 110 0.91 0.94 21.43
C SER D 110 -0.42 0.37 21.92
N TYR D 111 -1.55 0.77 21.35
CA TYR D 111 -2.86 0.32 21.77
C TYR D 111 -3.45 -0.59 20.70
N ASP D 112 -3.89 -1.77 21.11
CA ASP D 112 -4.33 -2.81 20.18
C ASP D 112 -5.81 -2.74 19.84
N TYR D 113 -6.64 -2.16 20.72
CA TYR D 113 -8.08 -2.14 20.54
C TYR D 113 -8.56 -0.69 20.46
N TRP D 114 -9.56 -0.46 19.61
CA TRP D 114 -10.02 0.89 19.33
C TRP D 114 -11.54 0.94 19.29
N GLY D 115 -12.08 2.08 19.71
CA GLY D 115 -13.48 2.38 19.52
C GLY D 115 -13.76 2.91 18.13
N GLN D 116 -15.05 3.12 17.84
CA GLN D 116 -15.42 3.54 16.49
C GLN D 116 -15.01 4.98 16.21
N GLY D 117 -14.87 5.80 17.24
CA GLY D 117 -14.50 7.19 17.05
C GLY D 117 -15.70 8.07 16.79
N THR D 118 -15.75 9.23 17.44
CA THR D 118 -16.90 10.11 17.35
C THR D 118 -16.44 11.56 17.25
N GLN D 119 -17.25 12.38 16.58
CA GLN D 119 -16.91 13.77 16.31
C GLN D 119 -17.31 14.66 17.48
N VAL D 120 -16.41 15.57 17.84
CA VAL D 120 -16.66 16.58 18.87
C VAL D 120 -16.27 17.92 18.27
N THR D 121 -17.21 18.86 18.21
CA THR D 121 -16.99 20.16 17.61
C THR D 121 -17.31 21.26 18.60
N VAL D 122 -16.48 22.31 18.61
CA VAL D 122 -16.71 23.51 19.40
C VAL D 122 -16.78 24.69 18.44
N SER D 123 -17.84 25.49 18.58
CA SER D 123 -18.22 26.47 17.54
C SER D 123 -17.37 27.73 17.65
N SER D 124 -16.40 27.85 16.75
CA SER D 124 -15.64 29.09 16.56
C SER D 124 -15.16 29.74 17.85
C1 NAG E . 15.94 14.54 36.21
C2 NAG E . 15.56 14.08 37.63
C3 NAG E . 14.24 14.73 38.06
C4 NAG E . 14.29 16.24 37.89
C5 NAG E . 14.68 16.59 36.46
C6 NAG E . 14.84 18.06 36.22
C7 NAG E . 15.63 11.95 38.83
C8 NAG E . 15.48 10.46 38.71
N2 NAG E . 15.45 12.63 37.70
O3 NAG E . 13.97 14.41 39.41
O4 NAG E . 13.03 16.82 38.19
O5 NAG E . 15.94 15.97 36.15
O6 NAG E . 16.23 18.42 36.20
O7 NAG E . 15.89 12.50 39.89
C1 FUC E . 16.40 19.75 36.70
C2 FUC E . 16.91 19.67 38.16
C3 FUC E . 18.29 19.00 38.20
C4 FUC E . 19.27 19.72 37.27
C5 FUC E . 18.65 19.89 35.86
C6 FUC E . 19.48 20.79 34.95
O2 FUC E . 15.98 19.02 39.02
O3 FUC E . 18.82 19.06 39.52
O4 FUC E . 19.61 20.99 37.80
O5 FUC E . 17.33 20.45 35.91
C1 GOL F . -15.17 -2.48 -25.09
O1 GOL F . -15.72 -2.46 -26.37
C2 GOL F . -14.37 -3.81 -24.96
O2 GOL F . -15.21 -4.91 -24.95
C3 GOL F . -13.40 -3.82 -26.17
O3 GOL F . -12.29 -4.57 -25.79
C1 GOL G . 11.33 -26.51 6.28
O1 GOL G . 12.22 -26.67 5.22
C2 GOL G . 10.99 -25.00 6.38
O2 GOL G . 10.01 -24.75 7.32
C3 GOL G . 12.33 -24.32 6.73
O3 GOL G . 12.06 -22.96 6.84
C1 GOL H . -12.88 -22.54 -11.65
O1 GOL H . -12.23 -21.39 -11.21
C2 GOL H . -12.37 -22.86 -13.06
O2 GOL H . -11.16 -23.53 -13.05
C3 GOL H . -13.50 -23.72 -13.69
O3 GOL H . -13.04 -24.12 -14.94
C1 GOL I . -2.81 -1.14 -29.96
O1 GOL I . -2.71 -2.45 -29.52
C2 GOL I . -1.37 -0.61 -30.17
O2 GOL I . -1.35 0.63 -30.80
C3 GOL I . -0.76 -0.54 -28.75
O3 GOL I . 0.50 0.03 -28.87
P PO4 J . 23.13 -17.30 -10.74
O1 PO4 J . 22.80 -15.84 -10.82
O2 PO4 J . 22.63 -18.00 -11.98
O3 PO4 J . 24.63 -17.47 -10.65
O4 PO4 J . 22.49 -17.91 -9.52
C1 GOL K . -0.62 0.64 -35.41
O1 GOL K . -1.47 -0.41 -35.04
C2 GOL K . 0.84 0.09 -35.40
O2 GOL K . 1.70 0.95 -34.73
C3 GOL K . 0.78 -1.30 -34.74
O3 GOL K . 2.09 -1.70 -34.52
C1 GOL L . -1.78 6.42 -11.25
O1 GOL L . -1.98 7.65 -11.87
C2 GOL L . -0.82 5.60 -12.16
O2 GOL L . -1.34 5.46 -13.45
C3 GOL L . -0.63 4.25 -11.44
O3 GOL L . -1.78 3.49 -11.68
C1 GOL M . -0.53 -3.10 -16.53
O1 GOL M . -1.14 -3.21 -15.29
C2 GOL M . 1.01 -3.13 -16.30
O2 GOL M . 1.42 -2.23 -15.32
C3 GOL M . 1.33 -4.59 -15.92
O3 GOL M . 2.64 -4.61 -15.46
C1 GOL N . 20.58 -15.43 18.53
O1 GOL N . 20.97 -16.29 17.49
C2 GOL N . 21.66 -15.53 19.63
O2 GOL N . 21.45 -16.61 20.46
C3 GOL N . 23.00 -15.63 18.86
O3 GOL N . 23.87 -14.72 19.47
C1 GOL O . 13.29 14.35 30.17
O1 GOL O . 11.95 14.17 30.51
C2 GOL O . 14.09 14.35 31.49
O2 GOL O . 13.56 15.23 32.42
C3 GOL O . 14.05 12.88 31.98
O3 GOL O . 14.21 12.92 33.36
C1 GOL P . 23.82 -0.93 -4.10
O1 GOL P . 24.08 -1.23 -5.44
C2 GOL P . 24.46 -2.07 -3.25
O2 GOL P . 24.04 -2.01 -1.92
C3 GOL P . 24.04 -3.38 -3.96
O3 GOL P . 23.45 -4.20 -3.01
C1 GOL Q . 26.60 4.18 20.98
O1 GOL Q . 26.52 3.86 22.35
C2 GOL Q . 27.02 5.68 20.83
O2 GOL Q . 27.11 6.08 19.50
C3 GOL Q . 25.97 6.50 21.65
O3 GOL Q . 25.94 7.82 21.16
C1 GOL R . 1.97 10.73 17.00
O1 GOL R . 0.65 10.30 17.15
C2 GOL R . 2.38 11.43 18.34
O2 GOL R . 1.36 12.21 18.85
C3 GOL R . 2.78 10.27 19.29
O3 GOL R . 3.69 10.79 20.21
#